data_5F5M
#
_entry.id   5F5M
#
_cell.length_a   147.959
_cell.length_b   147.959
_cell.length_c   58.982
_cell.angle_alpha   90.00
_cell.angle_beta   90.00
_cell.angle_gamma   120.00
#
_symmetry.space_group_name_H-M   'P 3 2 1'
#
loop_
_entity.id
_entity.type
_entity.pdbx_description
1 polymer Nucleoprotein
2 water water
#
_entity_poly.entity_id   1
_entity_poly.type   'polypeptide(L)'
_entity_poly.pdbx_seq_one_letter_code
;MGSSHHHHHHSSGLVPRGSHMRNKKVILFDTNHQVSICNQIIDAINSGIDLGDLLEGGLLTLCVEHYYNSDKDKFNTSPI
AKYLRDAGYEFDVIKNADATRFLDVIPNEPHYSPLILALKTLESTESQRGRIGLFLSFCSLFLPKLVVGDRASIEKALRQ
VTVHQEQGIVTYPNHWLTTGHMKVIFGILRSSFILKFVLIHQGVNLVTGHDAYDSIISNSVGQTRFSGLLIVKTVLEFIL
QKTDSGVTLHPLVRTSKVKNEVASFKQALSNLARHGEYAPFARVLNLSGINNLEHGLYPQLSAIALGVATAHGSTLAGVN
VGEQYQQLREAAHDAEVKLQRRHEHQEIQAIAEDDEERKILEQFHLQKTEITH
;
_entity_poly.pdbx_strand_id   A,B
#
# COMPACT_ATOMS: atom_id res chain seq x y z
N LYS A 24 9.56 40.20 33.87
CA LYS A 24 10.89 39.58 33.72
C LYS A 24 11.78 40.47 32.87
N LYS A 25 12.27 41.57 33.47
CA LYS A 25 13.12 42.51 32.76
C LYS A 25 14.58 42.12 32.92
N VAL A 26 15.37 42.35 31.87
CA VAL A 26 16.78 41.97 31.82
C VAL A 26 17.57 43.14 31.26
N ILE A 27 18.70 43.46 31.90
CA ILE A 27 19.42 44.71 31.69
C ILE A 27 20.42 44.56 30.55
N LEU A 28 20.49 45.58 29.69
CA LEU A 28 21.48 45.66 28.63
C LEU A 28 22.38 46.88 28.83
N PHE A 29 23.69 46.66 28.84
CA PHE A 29 24.67 47.72 29.01
C PHE A 29 25.17 48.13 27.63
N ASP A 30 25.01 49.41 27.27
CA ASP A 30 25.49 49.93 25.99
C ASP A 30 26.47 51.07 26.24
N THR A 31 27.74 50.87 25.86
CA THR A 31 28.76 51.90 25.91
C THR A 31 29.54 51.87 24.61
N ASN A 32 30.60 52.69 24.54
CA ASN A 32 31.57 52.60 23.45
C ASN A 32 32.77 51.75 23.79
N HIS A 33 32.98 51.42 25.06
CA HIS A 33 34.07 50.56 25.50
C HIS A 33 33.54 49.17 25.83
N GLN A 34 32.85 48.57 24.86
CA GLN A 34 32.12 47.33 25.12
C GLN A 34 33.05 46.15 25.38
N VAL A 35 34.12 46.01 24.58
CA VAL A 35 35.00 44.85 24.75
C VAL A 35 35.63 44.84 26.13
N SER A 36 35.99 46.02 26.64
CA SER A 36 36.54 46.11 27.99
C SER A 36 35.47 45.79 29.03
N ILE A 37 34.26 46.33 28.87
CA ILE A 37 33.18 46.09 29.82
C ILE A 37 32.82 44.61 29.84
N CYS A 38 32.82 43.97 28.67
CA CYS A 38 32.45 42.56 28.57
C CYS A 38 33.45 41.68 29.29
N ASN A 39 34.75 41.93 29.08
CA ASN A 39 35.77 41.10 29.72
C ASN A 39 35.73 41.20 31.24
N GLN A 40 35.26 42.31 31.79
CA GLN A 40 35.12 42.41 33.23
C GLN A 40 33.94 41.60 33.75
N ILE A 41 32.88 41.44 32.95
CA ILE A 41 31.81 40.53 33.31
C ILE A 41 32.33 39.10 33.35
N ILE A 42 33.11 38.72 32.34
CA ILE A 42 33.79 37.42 32.36
C ILE A 42 34.72 37.33 33.57
N ASP A 43 35.42 38.42 33.88
CA ASP A 43 36.33 38.42 35.02
C ASP A 43 35.58 38.17 36.32
N ALA A 44 34.40 38.78 36.48
CA ALA A 44 33.60 38.56 37.68
C ALA A 44 33.09 37.13 37.75
N ILE A 45 32.58 36.62 36.63
CA ILE A 45 32.09 35.24 36.59
C ILE A 45 33.21 34.26 36.93
N ASN A 46 34.36 34.39 36.26
CA ASN A 46 35.47 33.46 36.45
C ASN A 46 35.99 33.46 37.88
N SER A 47 35.93 34.60 38.56
CA SER A 47 36.38 34.71 39.94
C SER A 47 35.36 34.24 40.96
N GLY A 48 34.22 33.69 40.50
CA GLY A 48 33.19 33.26 41.43
C GLY A 48 32.46 34.38 42.13
N ILE A 49 32.39 35.55 41.49
CA ILE A 49 31.57 36.65 42.01
C ILE A 49 30.12 36.37 41.63
N ASP A 50 29.25 36.33 42.63
CA ASP A 50 27.83 36.06 42.39
C ASP A 50 27.19 37.34 41.87
N LEU A 51 26.88 37.37 40.57
CA LEU A 51 26.24 38.55 39.99
C LEU A 51 24.78 38.69 40.41
N GLY A 52 24.20 37.66 41.02
CA GLY A 52 22.82 37.76 41.48
C GLY A 52 21.85 38.01 40.33
N ASP A 53 20.82 38.80 40.62
CA ASP A 53 19.78 39.18 39.67
C ASP A 53 20.28 40.14 38.59
N LEU A 54 21.59 40.31 38.43
CA LEU A 54 22.18 40.99 37.27
C LEU A 54 22.87 40.03 36.32
N LEU A 55 22.93 38.74 36.66
CA LEU A 55 23.67 37.79 35.85
C LEU A 55 23.07 37.65 34.45
N GLU A 56 21.74 37.56 34.34
CA GLU A 56 21.11 37.38 33.05
C GLU A 56 21.43 38.52 32.08
N GLY A 57 21.49 39.75 32.59
CA GLY A 57 21.83 40.85 31.70
C GLY A 57 23.31 40.98 31.46
N GLY A 58 24.14 40.56 32.42
CA GLY A 58 25.56 40.45 32.16
C GLY A 58 25.86 39.50 31.02
N LEU A 59 25.17 38.35 30.99
CA LEU A 59 25.38 37.36 29.94
C LEU A 59 24.83 37.81 28.60
N LEU A 60 23.66 38.46 28.60
CA LEU A 60 23.08 38.91 27.34
C LEU A 60 23.96 39.95 26.67
N THR A 61 24.56 40.85 27.45
CA THR A 61 25.47 41.85 26.88
C THR A 61 26.59 41.16 26.12
N LEU A 62 27.17 40.11 26.70
CA LEU A 62 28.20 39.32 26.01
C LEU A 62 27.69 38.81 24.68
N CYS A 63 26.52 38.17 24.68
CA CYS A 63 25.96 37.60 23.45
C CYS A 63 25.67 38.70 22.43
N VAL A 64 25.13 39.83 22.87
CA VAL A 64 24.85 40.92 21.96
C VAL A 64 26.15 41.51 21.43
N GLU A 65 27.18 41.58 22.27
CA GLU A 65 28.49 42.06 21.84
C GLU A 65 29.13 41.13 20.82
N HIS A 66 29.07 39.82 21.07
CA HIS A 66 29.78 38.87 20.21
C HIS A 66 29.13 38.77 18.83
N TYR A 67 27.81 38.65 18.78
CA TYR A 67 27.11 38.37 17.53
C TYR A 67 26.61 39.62 16.81
N TYR A 68 26.48 40.75 17.50
CA TYR A 68 25.85 41.92 16.92
C TYR A 68 26.65 43.21 17.12
N ASN A 69 27.87 43.12 17.65
CA ASN A 69 28.74 44.30 17.82
C ASN A 69 28.04 45.39 18.63
N SER A 70 27.26 44.97 19.64
CA SER A 70 26.54 45.90 20.51
C SER A 70 25.67 46.87 19.70
N ASP A 71 25.27 46.44 18.51
CA ASP A 71 24.37 47.23 17.67
C ASP A 71 22.95 46.97 18.13
N LYS A 72 22.40 47.92 18.89
CA LYS A 72 21.06 47.77 19.42
C LYS A 72 20.04 47.53 18.32
N ASP A 73 20.19 48.24 17.20
CA ASP A 73 19.26 48.07 16.10
C ASP A 73 19.41 46.70 15.46
N LYS A 74 20.65 46.24 15.27
CA LYS A 74 20.90 44.94 14.66
C LYS A 74 20.43 43.79 15.53
N PHE A 75 20.46 43.96 16.86
CA PHE A 75 19.99 42.90 17.76
C PHE A 75 18.47 42.88 17.87
N ASN A 76 17.85 44.05 18.02
CA ASN A 76 16.41 44.12 18.21
C ASN A 76 15.65 43.43 17.07
N THR A 77 16.25 43.38 15.88
CA THR A 77 15.61 42.78 14.71
C THR A 77 16.05 41.35 14.47
N SER A 78 16.77 40.75 15.41
CA SER A 78 17.33 39.42 15.23
C SER A 78 16.35 38.36 15.69
N PRO A 79 16.50 37.11 15.21
CA PRO A 79 15.61 36.04 15.67
C PRO A 79 15.76 35.70 17.15
N ILE A 80 16.91 35.97 17.76
CA ILE A 80 17.09 35.67 19.18
C ILE A 80 16.26 36.63 20.02
N ALA A 81 16.31 37.92 19.71
CA ALA A 81 15.53 38.90 20.47
C ALA A 81 14.04 38.67 20.31
N LYS A 82 13.61 38.20 19.13
CA LYS A 82 12.18 38.02 18.90
C LYS A 82 11.66 36.79 19.64
N TYR A 83 12.47 35.74 19.75
CA TYR A 83 12.08 34.59 20.55
C TYR A 83 12.09 34.92 22.04
N LEU A 84 13.15 35.59 22.50
CA LEU A 84 13.25 35.93 23.91
C LEU A 84 12.09 36.83 24.34
N ARG A 85 11.61 37.70 23.45
CA ARG A 85 10.42 38.48 23.76
C ARG A 85 9.18 37.59 23.77
N ASP A 86 9.14 36.59 22.88
CA ASP A 86 8.07 35.59 22.90
C ASP A 86 8.06 34.79 24.21
N ALA A 87 9.15 34.83 24.97
CA ALA A 87 9.25 34.07 26.21
C ALA A 87 9.05 34.92 27.46
N GLY A 88 8.76 36.21 27.32
CA GLY A 88 8.45 37.05 28.44
C GLY A 88 9.44 38.15 28.74
N TYR A 89 10.57 38.20 28.04
CA TYR A 89 11.62 39.16 28.36
C TYR A 89 11.32 40.50 27.71
N GLU A 90 11.62 41.58 28.44
CA GLU A 90 11.62 42.93 27.88
C GLU A 90 12.91 43.63 28.29
N PHE A 91 13.59 44.23 27.33
CA PHE A 91 14.90 44.81 27.55
C PHE A 91 14.81 46.30 27.87
N ASP A 92 15.73 46.76 28.73
CA ASP A 92 15.86 48.18 29.05
C ASP A 92 17.35 48.50 29.01
N VAL A 93 17.77 49.22 27.97
CA VAL A 93 19.18 49.52 27.77
C VAL A 93 19.63 50.53 28.81
N ILE A 94 20.88 50.40 29.26
CA ILE A 94 21.49 51.41 30.12
C ILE A 94 22.61 52.09 29.33
N LYS A 95 22.27 53.18 28.66
CA LYS A 95 23.27 53.93 27.91
C LYS A 95 24.25 54.61 28.85
N ASN A 96 25.53 54.52 28.52
CA ASN A 96 26.60 55.16 29.28
C ASN A 96 27.86 55.14 28.43
N ALA A 97 27.78 55.69 27.22
CA ALA A 97 28.84 55.54 26.23
C ALA A 97 30.18 56.10 26.71
N ASP A 98 30.17 56.92 27.75
CA ASP A 98 31.38 57.50 28.33
C ASP A 98 31.98 56.64 29.45
N ALA A 99 31.71 55.34 29.43
CA ALA A 99 32.11 54.45 30.52
C ALA A 99 33.10 53.39 30.02
N THR A 100 34.06 53.06 30.88
CA THR A 100 35.07 52.05 30.57
C THR A 100 34.99 50.82 31.47
N ARG A 101 34.75 50.99 32.77
CA ARG A 101 34.75 49.88 33.72
C ARG A 101 33.33 49.38 33.94
N PHE A 102 33.22 48.06 34.19
CA PHE A 102 31.93 47.44 34.43
C PHE A 102 31.20 48.09 35.61
N LEU A 103 31.95 48.61 36.58
CA LEU A 103 31.32 49.25 37.73
C LEU A 103 30.55 50.50 37.33
N ASP A 104 30.95 51.15 36.24
CA ASP A 104 30.34 52.42 35.86
C ASP A 104 28.87 52.24 35.49
N VAL A 105 28.51 51.10 34.91
CA VAL A 105 27.15 50.87 34.44
C VAL A 105 26.30 50.11 35.46
N ILE A 106 26.85 49.77 36.62
CA ILE A 106 26.04 49.21 37.69
C ILE A 106 25.31 50.37 38.36
N PRO A 107 23.98 50.34 38.42
CA PRO A 107 23.25 51.40 39.12
C PRO A 107 23.53 51.38 40.61
N ASN A 108 23.47 52.56 41.23
CA ASN A 108 23.77 52.69 42.65
C ASN A 108 22.55 52.36 43.49
N GLU A 109 22.79 51.62 44.58
CA GLU A 109 21.80 51.12 45.53
C GLU A 109 22.52 50.22 46.51
N PRO A 110 22.18 50.26 47.81
CA PRO A 110 22.81 49.32 48.75
C PRO A 110 22.51 47.85 48.45
N HIS A 111 21.62 47.56 47.50
CA HIS A 111 21.43 46.18 47.06
C HIS A 111 22.52 45.78 46.07
N TYR A 112 22.90 46.68 45.17
CA TYR A 112 24.01 46.42 44.27
C TYR A 112 25.36 46.77 44.88
N SER A 113 25.38 47.40 46.05
CA SER A 113 26.65 47.69 46.71
C SER A 113 27.47 46.44 47.03
N PRO A 114 26.90 45.34 47.55
CA PRO A 114 27.72 44.14 47.78
C PRO A 114 28.36 43.62 46.51
N LEU A 115 27.69 43.73 45.36
CA LEU A 115 28.31 43.39 44.09
C LEU A 115 29.41 44.39 43.74
N ILE A 116 29.12 45.68 43.93
CA ILE A 116 30.10 46.72 43.62
C ILE A 116 31.34 46.56 44.49
N LEU A 117 31.18 46.00 45.69
CA LEU A 117 32.34 45.73 46.54
C LEU A 117 33.24 44.70 45.90
N ALA A 118 32.68 43.53 45.52
CA ALA A 118 33.50 42.48 44.93
C ALA A 118 34.07 42.88 43.57
N LEU A 119 33.43 43.82 42.88
CA LEU A 119 33.94 44.30 41.60
C LEU A 119 35.13 45.25 41.78
N LYS A 120 35.19 45.92 42.93
CA LYS A 120 36.34 46.76 43.27
C LYS A 120 37.41 45.88 43.92
N THR A 121 37.41 44.61 43.54
CA THR A 121 38.36 43.63 44.01
C THR A 121 38.57 42.63 42.88
N LEU A 122 39.62 41.83 42.98
CA LEU A 122 39.90 40.76 42.01
C LEU A 122 40.11 41.41 40.65
N SER A 124 40.97 40.88 36.39
CA SER A 124 42.25 40.50 35.79
C SER A 124 42.79 41.56 34.84
N THR A 125 43.50 41.09 33.81
CA THR A 125 44.15 41.93 32.81
C THR A 125 43.23 42.15 31.62
N GLU A 126 43.37 43.32 30.99
CA GLU A 126 42.61 43.59 29.77
C GLU A 126 43.01 42.58 28.70
N SER A 127 42.01 42.01 28.04
CA SER A 127 42.22 40.89 27.13
C SER A 127 41.67 41.21 25.75
N GLN A 128 41.82 40.27 24.83
CA GLN A 128 41.37 40.50 23.46
C GLN A 128 39.87 40.34 23.32
N ARG A 129 39.37 40.66 22.13
CA ARG A 129 37.95 40.51 21.83
C ARG A 129 37.63 39.03 21.74
N GLY A 130 38.57 38.25 21.21
CA GLY A 130 38.41 36.82 21.09
C GLY A 130 37.99 36.17 22.40
N ARG A 131 38.46 36.70 23.53
CA ARG A 131 38.05 36.10 24.79
C ARG A 131 36.53 35.97 24.93
N ILE A 132 35.77 36.86 24.31
CA ILE A 132 34.31 36.83 24.48
C ILE A 132 33.73 35.54 23.87
N GLY A 133 34.10 35.24 22.63
CA GLY A 133 33.64 34.01 22.01
C GLY A 133 34.38 32.77 22.45
N LEU A 134 35.62 32.93 22.92
CA LEU A 134 36.26 31.88 23.70
C LEU A 134 35.40 31.45 24.88
N PHE A 135 34.90 32.44 25.64
CA PHE A 135 34.08 32.14 26.82
C PHE A 135 32.78 31.43 26.42
N LEU A 136 32.09 31.97 25.42
CA LEU A 136 30.82 31.37 24.99
C LEU A 136 31.02 29.96 24.47
N SER A 137 32.10 29.73 23.70
CA SER A 137 32.38 28.39 23.20
C SER A 137 32.65 27.42 24.35
N PHE A 138 33.34 27.90 25.40
CA PHE A 138 33.58 27.08 26.57
C PHE A 138 32.28 26.67 27.25
N CYS A 139 31.33 27.61 27.36
CA CYS A 139 30.03 27.31 27.98
C CYS A 139 29.28 26.23 27.21
N SER A 140 29.31 26.29 25.88
CA SER A 140 28.54 25.35 25.07
C SER A 140 28.95 23.91 25.31
N LEU A 141 30.20 23.67 25.74
CA LEU A 141 30.66 22.32 25.96
C LEU A 141 29.91 21.62 27.08
N PHE A 142 29.30 22.37 27.99
CA PHE A 142 28.53 21.82 29.09
C PHE A 142 27.11 21.42 28.69
N LEU A 143 26.65 21.86 27.51
CA LEU A 143 25.28 21.58 27.10
C LEU A 143 24.98 20.09 26.90
N PRO A 144 25.82 19.29 26.25
CA PRO A 144 25.45 17.89 25.97
C PRO A 144 24.99 17.09 27.18
N LYS A 145 25.50 17.40 28.37
CA LYS A 145 25.15 16.65 29.56
C LYS A 145 24.66 17.55 30.69
N LEU A 146 24.24 18.77 30.37
CA LEU A 146 23.82 19.73 31.39
C LEU A 146 22.69 19.18 32.26
N VAL A 147 21.68 18.58 31.64
CA VAL A 147 20.50 18.13 32.39
C VAL A 147 20.78 16.93 33.28
N VAL A 148 21.91 16.25 33.08
CA VAL A 148 22.25 15.12 33.94
C VAL A 148 22.78 15.60 35.29
N GLY A 149 23.59 16.65 35.30
CA GLY A 149 24.14 17.18 36.53
C GLY A 149 25.62 17.44 36.57
N ASP A 150 26.02 18.13 37.64
CA ASP A 150 27.39 18.57 37.87
C ASP A 150 28.52 17.74 37.27
N ARG A 151 28.58 16.47 37.65
CA ARG A 151 29.66 15.59 37.21
C ARG A 151 29.69 15.17 35.75
N ALA A 152 28.55 14.74 35.21
CA ALA A 152 28.51 14.29 33.82
C ALA A 152 28.79 15.44 32.86
N SER A 153 28.25 16.62 33.14
CA SER A 153 28.45 17.76 32.25
C SER A 153 29.91 18.20 32.24
N ILE A 154 30.56 18.17 33.40
CA ILE A 154 31.97 18.57 33.47
C ILE A 154 32.88 17.49 32.88
N GLU A 155 32.59 16.22 33.16
CA GLU A 155 33.41 15.15 32.59
C GLU A 155 33.31 15.12 31.07
N LYS A 156 32.16 15.50 30.51
CA LYS A 156 32.03 15.54 29.06
C LYS A 156 32.69 16.78 28.47
N ALA A 157 32.54 17.93 29.13
CA ALA A 157 33.20 19.14 28.65
C ALA A 157 34.71 18.96 28.56
N LEU A 158 35.31 18.31 29.57
CA LEU A 158 36.75 18.05 29.53
C LEU A 158 37.10 17.14 28.36
N ARG A 159 36.24 16.15 28.08
CA ARG A 159 36.45 15.27 26.93
C ARG A 159 36.45 16.06 25.63
N GLN A 160 35.54 17.02 25.50
CA GLN A 160 35.48 17.82 24.27
C GLN A 160 36.63 18.82 24.20
N VAL A 161 37.07 19.35 25.34
CA VAL A 161 38.22 20.26 25.34
C VAL A 161 39.44 19.57 24.74
N THR A 162 39.64 18.28 25.07
CA THR A 162 40.76 17.55 24.48
C THR A 162 40.57 17.38 22.98
N VAL A 163 39.34 17.04 22.55
CA VAL A 163 39.07 16.84 21.12
C VAL A 163 39.40 18.11 20.34
N HIS A 164 38.92 19.26 20.82
CA HIS A 164 39.13 20.50 20.07
C HIS A 164 40.59 20.95 20.17
N GLN A 165 41.21 20.80 21.34
CA GLN A 165 42.61 21.18 21.48
C GLN A 165 43.53 20.19 20.77
N GLU A 166 43.12 18.92 20.66
CA GLU A 166 43.82 18.00 19.78
C GLU A 166 43.65 18.40 18.33
N GLN A 167 42.40 18.71 17.92
CA GLN A 167 42.20 19.30 16.59
C GLN A 167 43.02 20.56 16.38
N GLY A 168 43.44 21.21 17.47
CA GLY A 168 44.21 22.43 17.37
C GLY A 168 43.44 23.65 16.90
N ILE A 169 42.11 23.56 16.83
CA ILE A 169 41.29 24.72 16.51
C ILE A 169 41.03 25.66 17.68
N VAL A 170 41.37 25.26 18.91
CA VAL A 170 41.18 26.13 20.07
C VAL A 170 42.11 25.65 21.17
N THR A 171 42.44 26.56 22.09
CA THR A 171 43.16 26.23 23.32
C THR A 171 42.59 27.07 24.46
N TYR A 172 42.26 26.42 25.56
CA TYR A 172 41.65 27.12 26.67
C TYR A 172 42.65 27.31 27.82
N PRO A 173 42.61 28.45 28.50
CA PRO A 173 43.51 28.67 29.64
C PRO A 173 43.37 27.56 30.69
N ASN A 174 44.52 27.11 31.21
CA ASN A 174 44.52 25.98 32.13
C ASN A 174 43.74 26.28 33.41
N HIS A 175 43.68 27.54 33.82
CA HIS A 175 42.91 27.89 35.01
C HIS A 175 41.40 27.84 34.76
N TRP A 176 40.98 27.68 33.51
CA TRP A 176 39.58 27.37 33.20
C TRP A 176 39.26 25.89 33.36
N LEU A 177 40.27 25.03 33.46
CA LEU A 177 40.09 23.58 33.41
C LEU A 177 40.13 22.91 34.78
N THR A 178 40.14 23.68 35.86
CA THR A 178 40.07 23.11 37.20
C THR A 178 38.63 22.85 37.59
N THR A 179 38.43 21.86 38.48
CA THR A 179 37.09 21.50 38.93
C THR A 179 36.33 22.70 39.48
N GLY A 180 37.01 23.54 40.28
CA GLY A 180 36.34 24.67 40.88
C GLY A 180 35.91 25.73 39.89
N HIS A 181 36.60 25.85 38.76
CA HIS A 181 36.19 26.80 37.74
C HIS A 181 35.10 26.23 36.85
N MET A 182 35.22 24.95 36.48
CA MET A 182 34.20 24.33 35.63
C MET A 182 32.90 24.12 36.40
N LYS A 183 32.96 23.99 37.72
CA LYS A 183 31.73 23.98 38.52
C LYS A 183 31.04 25.33 38.48
N VAL A 184 31.80 26.42 38.43
CA VAL A 184 31.22 27.74 38.33
C VAL A 184 30.46 27.90 37.02
N ILE A 185 31.07 27.46 35.92
CA ILE A 185 30.47 27.64 34.60
C ILE A 185 29.24 26.75 34.45
N PHE A 186 29.28 25.53 35.01
CA PHE A 186 28.08 24.70 35.02
C PHE A 186 26.91 25.42 35.68
N GLY A 187 27.13 25.95 36.89
CA GLY A 187 26.07 26.65 37.59
C GLY A 187 25.59 27.86 36.81
N ILE A 188 26.50 28.53 36.11
CA ILE A 188 26.13 29.73 35.37
C ILE A 188 25.22 29.36 34.20
N LEU A 189 25.65 28.37 33.41
CA LEU A 189 24.83 27.91 32.29
C LEU A 189 23.51 27.32 32.76
N ARG A 190 23.52 26.59 33.87
CA ARG A 190 22.32 25.89 34.33
C ARG A 190 21.21 26.87 34.68
N SER A 191 21.55 28.01 35.25
CA SER A 191 20.57 28.99 35.71
C SER A 191 20.14 29.97 34.63
N SER A 192 20.84 30.02 33.49
CA SER A 192 20.61 31.04 32.48
C SER A 192 19.88 30.43 31.29
N PHE A 193 18.61 30.76 31.15
CA PHE A 193 17.87 30.36 29.95
C PHE A 193 18.38 31.11 28.73
N ILE A 194 18.71 32.40 28.88
CA ILE A 194 19.19 33.20 27.76
C ILE A 194 20.48 32.62 27.19
N LEU A 195 21.43 32.30 28.07
CA LEU A 195 22.70 31.76 27.60
C LEU A 195 22.51 30.41 26.93
N LYS A 196 21.68 29.55 27.53
CA LYS A 196 21.40 28.26 26.90
C LYS A 196 20.70 28.44 25.56
N PHE A 197 19.75 29.36 25.49
CA PHE A 197 19.00 29.56 24.24
C PHE A 197 19.90 30.11 23.14
N VAL A 198 20.67 31.16 23.43
CA VAL A 198 21.51 31.80 22.41
C VAL A 198 22.45 30.79 21.79
N LEU A 199 23.13 29.99 22.62
CA LEU A 199 24.04 28.98 22.11
C LEU A 199 23.30 27.95 21.26
N ILE A 200 22.15 27.47 21.72
CA ILE A 200 21.41 26.47 20.96
C ILE A 200 20.93 27.04 19.64
N HIS A 201 20.40 28.27 19.66
CA HIS A 201 19.96 28.91 18.42
C HIS A 201 21.11 29.06 17.43
N GLN A 202 22.22 29.67 17.86
CA GLN A 202 23.35 29.84 16.95
C GLN A 202 23.92 28.51 16.47
N GLY A 203 23.72 27.45 17.24
CA GLY A 203 24.28 26.16 16.85
C GLY A 203 23.40 25.41 15.87
N VAL A 204 22.08 25.54 16.02
CA VAL A 204 21.17 24.99 15.02
C VAL A 204 21.21 25.82 13.74
N ASN A 205 21.30 27.14 13.88
CA ASN A 205 21.16 28.02 12.72
C ASN A 205 22.50 28.62 12.30
N LEU A 206 23.52 27.77 12.18
CA LEU A 206 24.79 28.19 11.57
C LEU A 206 24.55 28.59 10.12
N VAL A 207 25.33 29.56 9.65
CA VAL A 207 25.21 30.04 8.28
C VAL A 207 26.58 30.12 7.62
N THR A 208 26.68 30.88 6.54
CA THR A 208 27.91 31.01 5.79
C THR A 208 28.90 31.93 6.47
N HIS A 210 30.87 32.93 9.60
CA HIS A 210 30.94 31.63 10.24
C HIS A 210 32.36 31.29 10.72
N ASP A 211 32.66 31.68 11.96
CA ASP A 211 33.94 31.33 12.56
C ASP A 211 33.86 29.90 13.12
N ALA A 212 34.91 29.47 13.81
CA ALA A 212 34.89 28.14 14.39
C ALA A 212 34.58 28.14 15.88
N TYR A 213 34.48 29.32 16.52
CA TYR A 213 33.69 29.38 17.73
C TYR A 213 32.29 28.87 17.45
N ASP A 214 31.79 29.16 16.24
CA ASP A 214 30.48 28.66 15.83
C ASP A 214 30.50 27.15 15.65
N SER A 215 31.59 26.60 15.08
CA SER A 215 31.64 25.17 14.81
C SER A 215 31.77 24.36 16.10
N ILE A 216 32.44 24.92 17.11
CA ILE A 216 32.48 24.27 18.42
C ILE A 216 31.09 24.31 19.05
N ILE A 217 30.46 25.49 19.06
CA ILE A 217 29.11 25.61 19.61
C ILE A 217 28.13 24.74 18.84
N SER A 218 28.28 24.67 17.51
CA SER A 218 27.40 23.82 16.72
C SER A 218 27.61 22.35 17.06
N ASN A 219 28.87 21.91 17.16
CA ASN A 219 29.13 20.52 17.50
C ASN A 219 28.63 20.20 18.89
N SER A 220 28.72 21.16 19.81
CA SER A 220 28.18 20.97 21.16
C SER A 220 26.66 20.90 21.15
N VAL A 221 26.01 21.82 20.43
CA VAL A 221 24.55 21.80 20.33
C VAL A 221 24.09 20.52 19.65
N GLY A 222 24.85 20.05 18.66
CA GLY A 222 24.48 18.82 17.98
C GLY A 222 24.48 17.64 18.93
N GLN A 223 25.52 17.53 19.75
CA GLN A 223 25.60 16.49 20.76
C GLN A 223 24.55 16.65 21.86
N THR A 224 23.87 17.78 21.93
CA THR A 224 22.84 18.06 22.93
C THR A 224 21.45 17.66 22.47
N ARG A 225 21.29 17.26 21.21
CA ARG A 225 19.97 16.94 20.69
C ARG A 225 19.37 15.77 21.46
N PHE A 226 18.20 16.01 22.06
CA PHE A 226 17.46 15.03 22.85
C PHE A 226 18.16 14.69 24.17
N SER A 227 19.09 15.53 24.61
CA SER A 227 19.62 15.45 25.97
C SER A 227 18.48 15.51 26.97
N GLY A 228 18.33 14.45 27.76
CA GLY A 228 17.20 14.31 28.65
C GLY A 228 15.94 13.86 27.96
N LEU A 229 16.05 13.34 26.73
CA LEU A 229 14.91 12.89 25.96
C LEU A 229 15.29 11.69 25.11
N LEU A 230 16.16 10.82 25.64
CA LEU A 230 16.64 9.70 24.85
C LEU A 230 15.55 8.67 24.60
N ILE A 231 14.51 8.64 25.45
CA ILE A 231 13.37 7.77 25.17
C ILE A 231 12.71 8.21 23.87
N VAL A 232 12.57 9.52 23.68
CA VAL A 232 12.06 10.03 22.40
C VAL A 232 12.98 9.60 21.26
N LYS A 233 14.29 9.74 21.47
CA LYS A 233 15.23 9.40 20.41
C LYS A 233 15.18 7.91 20.07
N THR A 234 15.24 7.05 21.10
CA THR A 234 15.26 5.61 20.84
C THR A 234 13.97 5.14 20.19
N VAL A 235 12.82 5.69 20.61
CA VAL A 235 11.55 5.33 19.99
C VAL A 235 11.52 5.78 18.54
N LEU A 236 11.89 7.05 18.29
CA LEU A 236 11.87 7.58 16.93
C LEU A 236 12.82 6.80 16.00
N GLU A 237 13.99 6.41 16.52
CA GLU A 237 14.99 5.75 15.68
C GLU A 237 14.69 4.27 15.49
N PHE A 238 14.20 3.59 16.52
CA PHE A 238 14.10 2.14 16.50
C PHE A 238 12.67 1.61 16.50
N ILE A 239 11.72 2.33 17.06
CA ILE A 239 10.36 1.81 17.25
C ILE A 239 9.40 2.33 16.17
N LEU A 240 9.49 3.62 15.86
CA LEU A 240 8.61 4.24 14.88
C LEU A 240 9.39 4.58 13.62
N GLN A 241 8.72 4.53 12.46
CA GLN A 241 9.32 4.97 11.21
C GLN A 241 8.21 5.46 10.28
N LYS A 242 8.43 6.64 9.69
CA LYS A 242 7.47 7.24 8.78
C LYS A 242 7.60 6.63 7.39
N THR A 243 6.47 6.43 6.72
CA THR A 243 6.44 5.84 5.38
C THR A 243 5.50 6.65 4.49
N ASP A 244 5.31 6.17 3.27
CA ASP A 244 4.30 6.73 2.38
C ASP A 244 3.20 5.71 2.12
N SER A 245 2.16 5.73 2.95
CA SER A 245 2.05 6.68 4.06
C SER A 245 1.63 5.97 5.34
N GLY A 246 1.90 6.63 6.46
CA GLY A 246 1.60 6.08 7.77
C GLY A 246 2.84 5.95 8.63
N VAL A 247 2.67 5.92 9.94
CA VAL A 247 3.79 5.75 10.87
C VAL A 247 3.63 4.37 11.49
N THR A 248 4.56 3.47 11.17
CA THR A 248 4.42 2.07 11.54
C THR A 248 5.07 1.79 12.90
N LEU A 249 4.56 0.74 13.56
CA LEU A 249 5.04 0.30 14.86
C LEU A 249 5.99 -0.88 14.69
N HIS A 250 7.05 -0.90 15.49
CA HIS A 250 7.90 -2.08 15.54
C HIS A 250 7.07 -3.29 15.99
N PRO A 251 7.28 -4.47 15.39
CA PRO A 251 6.45 -5.64 15.74
C PRO A 251 6.38 -5.95 17.22
N LEU A 252 7.50 -5.84 17.94
CA LEU A 252 7.52 -6.13 19.37
C LEU A 252 6.56 -5.26 20.16
N VAL A 253 6.21 -4.09 19.64
CA VAL A 253 5.34 -3.17 20.37
C VAL A 253 3.86 -3.52 20.18
N ARG A 254 3.49 -4.04 19.00
CA ARG A 254 2.10 -4.33 18.70
C ARG A 254 1.85 -5.27 19.88
N THR A 255 1.13 -4.77 20.88
CA THR A 255 0.50 -5.52 21.97
C THR A 255 -0.32 -4.56 22.80
N SER A 256 -1.38 -5.07 23.42
CA SER A 256 -2.42 -4.22 24.01
C SER A 256 -1.83 -3.23 25.02
N LYS A 257 -1.03 -3.74 25.96
CA LYS A 257 -0.52 -2.89 27.04
C LYS A 257 0.43 -1.82 26.50
N VAL A 258 1.37 -2.21 25.64
CA VAL A 258 2.33 -1.25 25.12
C VAL A 258 1.67 -0.28 24.16
N LYS A 259 0.61 -0.71 23.46
CA LYS A 259 -0.07 0.16 22.51
C LYS A 259 -0.62 1.42 23.16
N ASN A 260 -1.01 1.37 24.43
CA ASN A 260 -1.51 2.57 25.07
C ASN A 260 -0.37 3.52 25.44
N GLU A 261 0.79 2.97 25.82
CA GLU A 261 1.96 3.82 26.02
C GLU A 261 2.39 4.48 24.73
N VAL A 262 2.21 3.80 23.60
CA VAL A 262 2.49 4.40 22.30
C VAL A 262 1.54 5.56 22.02
N ALA A 263 0.26 5.38 22.35
CA ALA A 263 -0.71 6.46 22.18
C ALA A 263 -0.30 7.67 23.02
N SER A 264 0.05 7.43 24.29
CA SER A 264 0.48 8.52 25.17
C SER A 264 1.79 9.13 24.69
N PHE A 265 2.73 8.31 24.20
CA PHE A 265 3.98 8.85 23.69
C PHE A 265 3.72 9.71 22.45
N LYS A 266 2.81 9.27 21.58
CA LYS A 266 2.48 10.05 20.39
C LYS A 266 1.87 11.39 20.77
N GLN A 267 0.97 11.40 21.75
CA GLN A 267 0.39 12.65 22.23
C GLN A 267 1.45 13.57 22.80
N ALA A 268 2.29 13.05 23.68
CA ALA A 268 3.30 13.87 24.34
C ALA A 268 4.31 14.40 23.32
N LEU A 269 4.76 13.55 22.39
CA LEU A 269 5.72 14.00 21.39
C LEU A 269 5.12 15.09 20.51
N SER A 270 3.82 15.02 20.23
CA SER A 270 3.18 16.05 19.43
C SER A 270 3.15 17.39 20.17
N ASN A 271 3.06 17.35 21.50
CA ASN A 271 3.10 18.58 22.29
C ASN A 271 4.44 19.28 22.14
N LEU A 272 5.55 18.54 22.08
CA LEU A 272 6.85 19.18 21.91
C LEU A 272 7.03 19.72 20.51
N ALA A 273 6.32 19.16 19.52
CA ALA A 273 6.50 19.58 18.14
C ALA A 273 6.22 21.07 17.97
N ARG A 274 5.38 21.64 18.84
CA ARG A 274 5.07 23.06 18.76
C ARG A 274 6.30 23.94 18.91
N HIS A 275 7.37 23.44 19.55
CA HIS A 275 8.60 24.20 19.70
C HIS A 275 9.49 24.13 18.48
N GLY A 276 9.09 23.38 17.44
CA GLY A 276 9.76 23.47 16.16
C GLY A 276 11.17 22.88 16.16
N GLU A 277 12.09 23.63 15.54
CA GLU A 277 13.50 23.30 15.58
C GLU A 277 14.08 23.22 17.00
N TYR A 278 13.39 23.78 17.99
CA TYR A 278 13.88 23.77 19.36
C TYR A 278 13.36 22.60 20.18
N ALA A 279 12.54 21.74 19.59
CA ALA A 279 11.99 20.60 20.33
C ALA A 279 13.04 19.63 20.86
N PRO A 280 14.10 19.27 20.12
CA PRO A 280 15.11 18.36 20.71
C PRO A 280 15.82 18.92 21.93
N PHE A 281 15.64 20.21 22.24
CA PHE A 281 16.30 20.84 23.37
C PHE A 281 15.31 21.26 24.46
N ALA A 282 14.12 20.65 24.48
CA ALA A 282 13.08 21.06 25.40
C ALA A 282 13.44 20.75 26.85
N ARG A 283 14.21 19.69 27.08
CA ARG A 283 14.65 19.38 28.44
C ARG A 283 15.76 20.33 28.88
N VAL A 284 16.68 20.65 27.97
CA VAL A 284 17.74 21.61 28.28
C VAL A 284 17.14 22.99 28.54
N LEU A 285 16.20 23.41 27.69
CA LEU A 285 15.61 24.73 27.78
C LEU A 285 14.39 24.78 28.69
N ASN A 286 13.95 23.63 29.21
CA ASN A 286 12.78 23.54 30.10
C ASN A 286 11.54 24.12 29.42
N LEU A 287 11.25 23.61 28.23
CA LEU A 287 10.12 24.10 27.44
C LEU A 287 8.82 23.46 27.90
N SER A 288 7.73 24.17 27.67
CA SER A 288 6.40 23.73 28.12
C SER A 288 5.99 22.42 27.46
N GLY A 289 5.90 21.35 28.24
CA GLY A 289 5.40 20.09 27.73
C GLY A 289 6.29 18.90 28.03
N ILE A 290 7.27 19.08 28.91
CA ILE A 290 8.30 18.07 29.08
C ILE A 290 7.95 17.08 30.19
N ASN A 291 7.16 17.50 31.18
CA ASN A 291 6.75 16.58 32.24
C ASN A 291 5.95 15.40 31.70
N ASN A 292 5.35 15.52 30.52
CA ASN A 292 4.65 14.40 29.91
C ASN A 292 5.61 13.43 29.23
N LEU A 293 6.83 13.85 28.93
CA LEU A 293 7.80 12.97 28.30
C LEU A 293 8.88 12.55 29.29
N GLU A 294 8.49 11.81 30.32
CA GLU A 294 9.41 11.22 31.28
C GLU A 294 9.39 9.71 31.09
N HIS A 295 10.57 9.08 31.14
CA HIS A 295 10.68 7.65 30.86
C HIS A 295 9.86 6.81 31.82
N GLY A 296 9.54 7.34 33.01
CA GLY A 296 8.69 6.63 33.94
C GLY A 296 7.28 6.43 33.43
N LEU A 297 6.74 7.42 32.71
CA LEU A 297 5.41 7.31 32.10
C LEU A 297 5.29 6.20 31.07
N TYR A 298 6.38 5.71 30.50
CA TYR A 298 6.32 4.64 29.49
C TYR A 298 7.31 3.54 29.86
N PRO A 299 7.02 2.74 30.88
CA PRO A 299 7.98 1.72 31.32
C PRO A 299 8.19 0.60 30.30
N GLN A 300 7.10 0.08 29.73
CA GLN A 300 7.22 -1.02 28.77
C GLN A 300 7.79 -0.53 27.45
N LEU A 301 7.26 0.57 26.92
CA LEU A 301 7.77 1.13 25.67
C LEU A 301 9.25 1.49 25.78
N SER A 302 9.69 1.96 26.94
CA SER A 302 11.10 2.30 27.13
C SER A 302 11.97 1.06 27.12
N ALA A 303 11.54 -0.01 27.81
CA ALA A 303 12.35 -1.22 27.88
C ALA A 303 12.49 -1.87 26.51
N ILE A 304 11.40 -1.93 25.74
CA ILE A 304 11.46 -2.53 24.41
C ILE A 304 12.35 -1.70 23.50
N ALA A 305 12.16 -0.38 23.52
CA ALA A 305 12.97 0.51 22.70
C ALA A 305 14.46 0.38 23.04
N LEU A 306 14.78 0.37 24.34
CA LEU A 306 16.16 0.18 24.75
C LEU A 306 16.66 -1.21 24.37
N GLY A 307 15.81 -2.24 24.54
CA GLY A 307 16.15 -3.54 23.99
C GLY A 307 16.56 -3.47 22.54
N VAL A 308 15.75 -2.80 21.73
CA VAL A 308 15.98 -2.80 20.29
C VAL A 308 17.20 -1.96 19.95
N ALA A 309 17.34 -0.82 20.65
CA ALA A 309 18.52 0.04 20.47
C ALA A 309 19.81 -0.72 20.73
N THR A 310 19.92 -1.38 21.89
CA THR A 310 21.16 -2.05 22.25
C THR A 310 21.50 -3.18 21.27
N ALA A 311 20.49 -3.81 20.68
CA ALA A 311 20.74 -4.84 19.69
C ALA A 311 21.52 -4.32 18.49
N HIS A 312 21.39 -3.03 18.17
CA HIS A 312 22.17 -2.43 17.11
C HIS A 312 23.42 -1.72 17.61
N GLY A 313 23.60 -1.57 18.91
CA GLY A 313 24.83 -0.98 19.42
C GLY A 313 24.73 0.52 19.65
N SER A 314 23.75 0.96 20.43
CA SER A 314 23.55 2.39 20.63
C SER A 314 24.16 2.88 21.93
N THR A 315 23.39 2.85 23.02
CA THR A 315 23.81 3.45 24.27
C THR A 315 22.89 2.97 25.39
N LEU A 316 23.45 2.78 26.58
CA LEU A 316 22.66 2.55 27.78
C LEU A 316 22.09 3.88 28.25
N VAL A 319 21.69 4.44 33.85
CA VAL A 319 20.42 4.02 34.43
C VAL A 319 19.62 3.23 33.39
N ASN A 320 18.80 2.29 33.86
CA ASN A 320 17.87 1.58 32.98
C ASN A 320 16.53 2.29 32.95
N GLU A 323 14.96 -3.52 37.56
CA GLU A 323 15.00 -4.84 36.94
C GLU A 323 13.61 -5.42 36.80
N GLN A 324 12.60 -4.63 37.19
CA GLN A 324 11.22 -5.07 36.99
C GLN A 324 10.90 -5.15 35.50
N TYR A 325 11.66 -4.45 34.67
CA TYR A 325 11.49 -4.45 33.22
C TYR A 325 12.77 -4.88 32.52
N GLN A 326 13.68 -5.52 33.26
CA GLN A 326 14.94 -5.95 32.68
C GLN A 326 14.74 -7.15 31.77
N GLN A 327 13.85 -8.08 32.16
CA GLN A 327 13.55 -9.22 31.30
C GLN A 327 12.79 -8.77 30.06
N LEU A 328 11.98 -7.72 30.17
CA LEU A 328 11.36 -7.16 28.98
C LEU A 328 12.41 -6.59 28.03
N ARG A 329 13.44 -5.93 28.59
CA ARG A 329 14.48 -5.35 27.76
C ARG A 329 15.38 -6.41 27.14
N GLU A 330 15.77 -7.43 27.91
CA GLU A 330 16.60 -8.49 27.35
C GLU A 330 15.85 -9.29 26.29
N ALA A 331 14.55 -9.53 26.52
CA ALA A 331 13.76 -10.26 25.53
C ALA A 331 13.64 -9.47 24.24
N ALA A 332 13.48 -8.14 24.35
CA ALA A 332 13.42 -7.29 23.17
C ALA A 332 14.74 -7.29 22.42
N HIS A 333 15.86 -7.22 23.15
CA HIS A 333 17.17 -7.30 22.53
C HIS A 333 17.35 -8.63 21.80
N ASP A 334 16.99 -9.74 22.45
CA ASP A 334 17.20 -11.05 21.85
C ASP A 334 16.27 -11.27 20.65
N ALA A 335 15.04 -10.74 20.72
CA ALA A 335 14.14 -10.85 19.58
C ALA A 335 14.63 -10.00 18.40
N GLU A 336 15.11 -8.79 18.68
CA GLU A 336 15.49 -7.88 17.61
C GLU A 336 16.68 -8.41 16.82
N VAL A 337 17.63 -9.06 17.50
CA VAL A 337 18.76 -9.66 16.80
C VAL A 337 18.27 -10.72 15.83
N LYS A 338 17.36 -11.59 16.29
CA LYS A 338 16.82 -12.63 15.43
C LYS A 338 16.00 -12.03 14.28
N LEU A 339 15.24 -10.96 14.57
CA LEU A 339 14.40 -10.35 13.54
C LEU A 339 15.23 -9.68 12.45
N GLN A 340 16.27 -8.92 12.83
CA GLN A 340 17.11 -8.27 11.83
C GLN A 340 17.82 -9.30 10.94
N ARG A 341 18.28 -10.40 11.54
CA ARG A 341 18.89 -11.45 10.75
C ARG A 341 17.89 -12.10 9.80
N ARG A 342 16.64 -12.24 10.24
CA ARG A 342 15.59 -12.70 9.32
C ARG A 342 15.36 -11.70 8.20
N HIS A 343 15.38 -10.41 8.51
CA HIS A 343 15.16 -9.40 7.46
C HIS A 343 16.31 -9.40 6.46
N GLU A 344 17.55 -9.49 6.94
CA GLU A 344 18.70 -9.55 6.05
C GLU A 344 18.63 -10.78 5.15
N HIS A 345 18.35 -11.95 5.73
CA HIS A 345 18.26 -13.18 4.95
C HIS A 345 17.15 -13.10 3.91
N GLN A 346 15.96 -12.64 4.32
CA GLN A 346 14.85 -12.52 3.39
C GLN A 346 15.19 -11.58 2.23
N GLU A 347 15.79 -10.43 2.54
CA GLU A 347 16.10 -9.44 1.51
C GLU A 347 17.09 -10.00 0.49
N ILE A 348 17.98 -10.90 0.91
CA ILE A 348 18.91 -11.52 -0.03
C ILE A 348 18.18 -12.52 -0.92
N GLN A 349 17.25 -13.27 -0.36
CA GLN A 349 16.53 -14.25 -1.15
C GLN A 349 15.59 -13.59 -2.15
N ALA A 350 14.94 -12.49 -1.76
CA ALA A 350 14.09 -11.75 -2.69
C ALA A 350 14.86 -11.28 -3.91
N ILE A 351 16.08 -10.77 -3.70
CA ILE A 351 16.91 -10.34 -4.82
C ILE A 351 17.27 -11.53 -5.70
N ALA A 352 17.58 -12.68 -5.07
CA ALA A 352 17.88 -13.88 -5.83
C ALA A 352 16.68 -14.34 -6.64
N GLU A 353 15.47 -14.24 -6.08
CA GLU A 353 14.28 -14.68 -6.80
C GLU A 353 13.99 -13.76 -7.98
N ASP A 354 14.18 -12.45 -7.80
CA ASP A 354 14.06 -11.54 -8.94
C ASP A 354 15.07 -11.88 -10.02
N ASP A 355 16.24 -12.40 -9.63
CA ASP A 355 17.30 -12.68 -10.60
C ASP A 355 17.02 -13.96 -11.36
N GLU A 356 16.53 -15.00 -10.68
CA GLU A 356 16.08 -16.21 -11.37
C GLU A 356 15.02 -15.89 -12.41
N GLU A 357 14.12 -14.95 -12.08
CA GLU A 357 13.12 -14.51 -13.04
C GLU A 357 13.79 -13.88 -14.25
N ARG A 358 14.83 -13.08 -14.03
CA ARG A 358 15.55 -12.45 -15.13
C ARG A 358 16.18 -13.49 -16.05
N LYS A 359 16.76 -14.55 -15.47
CA LYS A 359 17.39 -15.58 -16.28
C LYS A 359 16.36 -16.34 -17.12
N ILE A 360 15.16 -16.55 -16.57
CA ILE A 360 14.10 -17.20 -17.33
C ILE A 360 13.65 -16.33 -18.49
N LEU A 361 13.54 -15.01 -18.26
CA LEU A 361 13.14 -14.12 -19.33
C LEU A 361 14.23 -13.96 -20.38
N GLU A 362 15.50 -14.08 -19.98
CA GLU A 362 16.58 -14.05 -20.96
C GLU A 362 16.66 -15.36 -21.74
N GLN A 363 16.44 -16.50 -21.06
CA GLN A 363 16.25 -17.75 -21.80
C GLN A 363 15.04 -17.65 -22.71
N PHE A 364 14.01 -16.94 -22.27
CA PHE A 364 12.82 -16.75 -23.09
C PHE A 364 13.16 -16.03 -24.40
N HIS A 365 13.86 -14.90 -24.30
CA HIS A 365 14.22 -14.14 -25.50
C HIS A 365 15.27 -14.85 -26.35
N LEU A 366 16.06 -15.75 -25.75
CA LEU A 366 16.98 -16.54 -26.55
C LEU A 366 16.24 -17.62 -27.34
N GLN A 367 15.16 -18.16 -26.77
CA GLN A 367 14.44 -19.26 -27.38
C GLN A 367 13.42 -18.80 -28.41
N LYS A 368 12.79 -17.65 -28.20
CA LYS A 368 11.76 -17.19 -29.14
C LYS A 368 12.34 -16.82 -30.50
N THR A 369 13.64 -16.56 -30.59
CA THR A 369 14.34 -16.33 -31.86
C THR A 369 15.37 -17.44 -32.02
N GLU A 370 14.88 -18.65 -32.30
CA GLU A 370 15.73 -19.84 -32.35
C GLU A 370 14.96 -21.03 -32.91
N LYS B 24 -36.89 -7.46 -37.02
CA LYS B 24 -36.71 -8.90 -37.15
C LYS B 24 -37.88 -9.65 -36.53
N LYS B 25 -38.93 -9.85 -37.31
CA LYS B 25 -40.15 -10.46 -36.80
C LYS B 25 -39.95 -11.95 -36.58
N VAL B 26 -40.46 -12.46 -35.46
CA VAL B 26 -40.40 -13.87 -35.14
C VAL B 26 -41.75 -14.30 -34.59
N ILE B 27 -42.27 -15.41 -35.10
CA ILE B 27 -43.66 -15.80 -34.88
C ILE B 27 -43.76 -16.62 -33.60
N LEU B 28 -44.79 -16.33 -32.80
CA LEU B 28 -45.12 -17.10 -31.61
C LEU B 28 -46.52 -17.67 -31.77
N PHE B 29 -46.66 -18.98 -31.62
CA PHE B 29 -47.93 -19.66 -31.82
C PHE B 29 -48.65 -19.88 -30.50
N ASP B 30 -49.90 -19.40 -30.43
CA ASP B 30 -50.76 -19.58 -29.27
C ASP B 30 -52.00 -20.35 -29.69
N THR B 31 -52.16 -21.57 -29.17
CA THR B 31 -53.35 -22.38 -29.36
C THR B 31 -53.74 -22.96 -28.01
N ASN B 32 -54.74 -23.83 -28.00
CA ASN B 32 -55.05 -24.61 -26.81
C ASN B 32 -54.37 -25.97 -26.81
N HIS B 33 -53.89 -26.43 -27.95
CA HIS B 33 -53.15 -27.67 -28.04
C HIS B 33 -51.67 -27.38 -28.26
N GLN B 34 -51.08 -26.64 -27.31
CA GLN B 34 -49.69 -26.19 -27.46
C GLN B 34 -48.74 -27.37 -27.42
N VAL B 35 -48.95 -28.30 -26.49
CA VAL B 35 -48.09 -29.47 -26.39
C VAL B 35 -48.16 -30.31 -27.65
N SER B 36 -49.34 -30.39 -28.28
CA SER B 36 -49.46 -31.11 -29.54
C SER B 36 -48.67 -30.42 -30.64
N ILE B 37 -48.81 -29.11 -30.77
CA ILE B 37 -48.08 -28.36 -31.78
C ILE B 37 -46.58 -28.38 -31.49
N CYS B 38 -46.21 -28.29 -30.21
CA CYS B 38 -44.79 -28.26 -29.86
C CYS B 38 -44.10 -29.57 -30.20
N ASN B 39 -44.74 -30.71 -29.85
CA ASN B 39 -44.15 -32.00 -30.18
C ASN B 39 -44.05 -32.21 -31.69
N GLN B 40 -44.94 -31.58 -32.45
CA GLN B 40 -44.87 -31.67 -33.90
C GLN B 40 -43.76 -30.80 -34.47
N ILE B 41 -43.45 -29.69 -33.82
CA ILE B 41 -42.26 -28.91 -34.19
C ILE B 41 -41.00 -29.74 -33.97
N ILE B 42 -40.91 -30.38 -32.80
CA ILE B 42 -39.82 -31.30 -32.54
C ILE B 42 -39.82 -32.44 -33.55
N ASP B 43 -41.00 -32.96 -33.89
CA ASP B 43 -41.09 -34.04 -34.85
C ASP B 43 -40.55 -33.62 -36.22
N ALA B 44 -40.85 -32.38 -36.63
CA ALA B 44 -40.37 -31.89 -37.92
C ALA B 44 -38.84 -31.73 -37.91
N ILE B 45 -38.31 -31.13 -36.84
CA ILE B 45 -36.86 -30.94 -36.73
C ILE B 45 -36.13 -32.27 -36.78
N ASN B 46 -36.56 -33.22 -35.93
CA ASN B 46 -35.87 -34.51 -35.86
C ASN B 46 -35.94 -35.24 -37.20
N SER B 47 -37.00 -35.00 -37.98
CA SER B 47 -37.13 -35.60 -39.30
C SER B 47 -36.37 -34.84 -40.38
N GLY B 48 -35.63 -33.80 -40.01
CA GLY B 48 -34.87 -33.02 -40.97
C GLY B 48 -35.67 -32.14 -41.91
N ILE B 49 -36.85 -31.70 -41.48
CA ILE B 49 -37.62 -30.73 -42.25
C ILE B 49 -37.07 -29.33 -42.02
N ASP B 50 -36.70 -28.65 -43.10
CA ASP B 50 -36.18 -27.29 -43.02
C ASP B 50 -37.33 -26.32 -42.80
N LEU B 51 -37.44 -25.80 -41.58
CA LEU B 51 -38.50 -24.84 -41.26
C LEU B 51 -38.24 -23.47 -41.87
N GLY B 52 -37.04 -23.21 -42.38
CA GLY B 52 -36.76 -21.91 -42.99
C GLY B 52 -36.90 -20.78 -42.00
N ASP B 53 -37.36 -19.63 -42.51
CA ASP B 53 -37.58 -18.44 -41.68
C ASP B 53 -38.75 -18.60 -40.69
N LEU B 54 -39.26 -19.81 -40.50
CA LEU B 54 -40.18 -20.10 -39.41
C LEU B 54 -39.51 -20.87 -38.28
N LEU B 55 -38.26 -21.27 -38.44
CA LEU B 55 -37.56 -22.05 -37.44
C LEU B 55 -37.37 -21.27 -36.14
N GLU B 56 -37.00 -19.98 -36.26
CA GLU B 56 -36.74 -19.17 -35.08
C GLU B 56 -37.97 -19.10 -34.19
N GLY B 57 -39.16 -19.01 -34.79
CA GLY B 57 -40.36 -18.96 -33.98
C GLY B 57 -40.84 -20.32 -33.52
N GLY B 58 -40.55 -21.36 -34.29
CA GLY B 58 -40.79 -22.71 -33.81
C GLY B 58 -40.01 -23.00 -32.54
N LEU B 59 -38.74 -22.59 -32.51
CA LEU B 59 -37.91 -22.84 -31.34
C LEU B 59 -38.30 -21.93 -30.19
N LEU B 60 -38.66 -20.68 -30.47
CA LEU B 60 -39.11 -19.78 -29.41
C LEU B 60 -40.38 -20.31 -28.76
N THR B 61 -41.30 -20.82 -29.57
CA THR B 61 -42.54 -21.40 -29.03
C THR B 61 -42.24 -22.52 -28.05
N LEU B 62 -41.31 -23.41 -28.40
CA LEU B 62 -40.88 -24.47 -27.47
C LEU B 62 -40.38 -23.88 -26.16
N CYS B 63 -39.47 -22.91 -26.25
CA CYS B 63 -38.89 -22.31 -25.05
C CYS B 63 -39.96 -21.63 -24.20
N VAL B 64 -40.90 -20.92 -24.84
CA VAL B 64 -41.94 -20.23 -24.09
C VAL B 64 -42.86 -21.23 -23.40
N GLU B 65 -43.13 -22.36 -24.05
CA GLU B 65 -43.95 -23.40 -23.41
C GLU B 65 -43.24 -24.02 -22.22
N HIS B 66 -41.96 -24.32 -22.35
CA HIS B 66 -41.25 -25.01 -21.28
C HIS B 66 -41.06 -24.11 -20.07
N TYR B 67 -40.65 -22.86 -20.29
CA TYR B 67 -40.27 -21.96 -19.20
C TYR B 67 -41.40 -21.06 -18.73
N TYR B 68 -42.43 -20.84 -19.54
CA TYR B 68 -43.50 -19.91 -19.18
C TYR B 68 -44.90 -20.46 -19.43
N ASN B 69 -45.02 -21.73 -19.84
CA ASN B 69 -46.30 -22.40 -20.04
C ASN B 69 -47.20 -21.64 -21.01
N SER B 70 -46.60 -21.09 -22.08
CA SER B 70 -47.31 -20.35 -23.12
C SER B 70 -48.12 -19.19 -22.57
N ASP B 71 -47.69 -18.64 -21.44
CA ASP B 71 -48.31 -17.45 -20.86
C ASP B 71 -47.67 -16.23 -21.51
N LYS B 72 -48.38 -15.63 -22.48
CA LYS B 72 -47.81 -14.49 -23.20
C LYS B 72 -47.47 -13.35 -22.26
N ASP B 73 -48.34 -13.06 -21.30
CA ASP B 73 -48.10 -11.94 -20.38
C ASP B 73 -46.91 -12.23 -19.49
N LYS B 74 -46.78 -13.47 -19.00
CA LYS B 74 -45.62 -13.81 -18.17
C LYS B 74 -44.33 -13.71 -18.96
N PHE B 75 -44.39 -13.96 -20.28
CA PHE B 75 -43.21 -13.88 -21.13
C PHE B 75 -42.90 -12.45 -21.51
N ASN B 76 -43.93 -11.67 -21.86
CA ASN B 76 -43.73 -10.30 -22.34
C ASN B 76 -42.96 -9.44 -21.34
N THR B 77 -43.08 -9.71 -20.04
CA THR B 77 -42.41 -8.95 -19.00
C THR B 77 -41.15 -9.64 -18.46
N SER B 78 -40.71 -10.71 -19.10
CA SER B 78 -39.64 -11.56 -18.59
C SER B 78 -38.27 -11.04 -19.00
N PRO B 79 -37.21 -11.44 -18.28
CA PRO B 79 -35.87 -11.01 -18.69
C PRO B 79 -35.42 -11.60 -20.02
N ILE B 80 -35.99 -12.73 -20.44
CA ILE B 80 -35.62 -13.29 -21.74
C ILE B 80 -36.17 -12.43 -22.87
N ALA B 81 -37.44 -12.03 -22.77
CA ALA B 81 -38.00 -11.15 -23.79
C ALA B 81 -37.32 -9.79 -23.80
N LYS B 82 -36.82 -9.34 -22.64
CA LYS B 82 -36.11 -8.07 -22.57
C LYS B 82 -34.86 -8.08 -23.43
N TYR B 83 -34.01 -9.09 -23.24
CA TYR B 83 -32.77 -9.18 -24.02
C TYR B 83 -33.04 -9.54 -25.48
N LEU B 84 -34.07 -10.36 -25.75
CA LEU B 84 -34.35 -10.72 -27.13
C LEU B 84 -34.83 -9.51 -27.92
N ARG B 85 -35.61 -8.63 -27.28
CA ARG B 85 -35.97 -7.37 -27.92
C ARG B 85 -34.76 -6.42 -27.96
N ASP B 86 -33.94 -6.46 -26.90
CA ASP B 86 -32.69 -5.69 -26.89
C ASP B 86 -31.74 -6.12 -28.01
N ALA B 87 -31.96 -7.28 -28.62
CA ALA B 87 -31.11 -7.81 -29.68
C ALA B 87 -31.69 -7.62 -31.07
N GLY B 88 -32.85 -6.97 -31.19
CA GLY B 88 -33.43 -6.65 -32.47
C GLY B 88 -34.72 -7.35 -32.78
N TYR B 89 -35.15 -8.29 -31.93
CA TYR B 89 -36.33 -9.10 -32.23
C TYR B 89 -37.60 -8.38 -31.81
N GLU B 90 -38.65 -8.57 -32.60
CA GLU B 90 -40.01 -8.19 -32.23
C GLU B 90 -40.91 -9.39 -32.42
N PHE B 91 -41.74 -9.67 -31.43
CA PHE B 91 -42.54 -10.88 -31.44
C PHE B 91 -43.89 -10.59 -32.10
N ASP B 92 -44.41 -11.57 -32.84
CA ASP B 92 -45.68 -11.45 -33.54
C ASP B 92 -46.49 -12.71 -33.27
N VAL B 93 -47.50 -12.60 -32.41
CA VAL B 93 -48.29 -13.76 -32.02
C VAL B 93 -49.24 -14.17 -33.17
N ILE B 94 -49.44 -15.47 -33.29
CA ILE B 94 -50.47 -16.03 -34.16
C ILE B 94 -51.46 -16.77 -33.26
N LYS B 95 -52.67 -16.23 -33.14
CA LYS B 95 -53.69 -16.74 -32.22
C LYS B 95 -54.71 -17.54 -33.03
N ASN B 96 -54.60 -18.87 -32.99
CA ASN B 96 -55.53 -19.78 -33.66
C ASN B 96 -55.93 -20.86 -32.64
N ALA B 97 -56.84 -20.50 -31.73
CA ALA B 97 -57.31 -21.44 -30.72
C ALA B 97 -58.07 -22.62 -31.33
N ASP B 98 -58.49 -22.53 -32.59
CA ASP B 98 -59.20 -23.60 -33.26
C ASP B 98 -58.25 -24.59 -33.93
N ALA B 99 -57.02 -24.70 -33.43
CA ALA B 99 -56.00 -25.53 -34.05
C ALA B 99 -55.61 -26.67 -33.12
N THR B 100 -55.39 -27.84 -33.71
CA THR B 100 -54.96 -29.02 -32.97
C THR B 100 -53.57 -29.50 -33.37
N ARG B 101 -53.05 -29.03 -34.50
CA ARG B 101 -51.78 -29.50 -35.01
C ARG B 101 -50.97 -28.32 -35.55
N PHE B 102 -49.68 -28.56 -35.77
CA PHE B 102 -48.76 -27.50 -36.17
C PHE B 102 -49.10 -26.95 -37.54
N LEU B 103 -49.69 -27.77 -38.43
CA LEU B 103 -50.00 -27.32 -39.78
C LEU B 103 -51.06 -26.22 -39.78
N ASP B 104 -51.97 -26.23 -38.80
CA ASP B 104 -53.07 -25.27 -38.80
C ASP B 104 -52.59 -23.83 -38.59
N VAL B 105 -51.51 -23.63 -37.83
CA VAL B 105 -51.07 -22.27 -37.50
C VAL B 105 -50.01 -21.75 -38.45
N ILE B 106 -49.63 -22.52 -39.45
CA ILE B 106 -48.75 -22.02 -40.51
C ILE B 106 -49.57 -21.17 -41.46
N PRO B 107 -49.11 -19.96 -41.81
CA PRO B 107 -49.86 -19.12 -42.75
C PRO B 107 -50.05 -19.83 -44.08
N ASN B 108 -51.14 -19.49 -44.75
CA ASN B 108 -51.57 -20.17 -45.96
C ASN B 108 -50.85 -19.67 -47.23
N GLU B 109 -49.99 -18.68 -47.12
CA GLU B 109 -49.44 -18.00 -48.29
C GLU B 109 -48.55 -18.94 -49.12
N PRO B 110 -48.90 -19.22 -50.38
CA PRO B 110 -48.05 -20.03 -51.27
C PRO B 110 -46.77 -19.29 -51.68
N TYR B 112 -43.32 -20.89 -46.66
CA TYR B 112 -44.25 -20.76 -47.78
C TYR B 112 -44.93 -22.10 -48.05
N SER B 113 -44.86 -22.56 -49.30
CA SER B 113 -45.47 -23.83 -49.72
C SER B 113 -44.58 -25.05 -49.53
N PRO B 114 -43.28 -25.00 -49.85
CA PRO B 114 -42.45 -26.21 -49.67
C PRO B 114 -42.45 -26.76 -48.25
N LEU B 115 -42.55 -25.89 -47.23
CA LEU B 115 -42.66 -26.37 -45.87
C LEU B 115 -44.01 -27.05 -45.62
N ILE B 116 -45.10 -26.44 -46.10
CA ILE B 116 -46.44 -26.96 -45.85
C ILE B 116 -46.63 -28.35 -46.46
N LEU B 117 -45.99 -28.61 -47.59
CA LEU B 117 -46.06 -29.94 -48.22
C LEU B 117 -45.38 -31.01 -47.36
N ALA B 118 -44.14 -30.73 -46.94
CA ALA B 118 -43.33 -31.73 -46.23
C ALA B 118 -43.93 -32.18 -44.91
N LEU B 119 -44.89 -31.42 -44.37
CA LEU B 119 -45.50 -31.80 -43.09
C LEU B 119 -46.42 -33.01 -43.22
N LYS B 120 -46.93 -33.31 -44.41
CA LYS B 120 -47.79 -34.46 -44.66
C LYS B 120 -46.61 -35.36 -44.23
N THR B 121 -46.63 -35.89 -43.02
CA THR B 121 -45.98 -37.13 -42.58
C THR B 121 -45.73 -37.03 -41.08
N SER B 124 -44.54 -40.52 -35.15
CA SER B 124 -44.82 -39.10 -34.94
C SER B 124 -45.88 -38.90 -33.87
N THR B 125 -45.61 -39.44 -32.69
CA THR B 125 -46.54 -39.36 -31.56
C THR B 125 -46.21 -38.15 -30.69
N GLU B 126 -47.25 -37.54 -30.11
CA GLU B 126 -47.06 -36.40 -29.22
C GLU B 126 -46.30 -36.81 -27.96
N SER B 127 -46.77 -37.83 -27.26
CA SER B 127 -46.26 -38.26 -25.95
C SER B 127 -46.34 -37.08 -24.98
N GLN B 128 -45.37 -37.00 -24.07
CA GLN B 128 -45.46 -36.16 -22.89
C GLN B 128 -44.93 -34.75 -23.16
N ARG B 129 -45.39 -33.80 -22.34
CA ARG B 129 -44.81 -32.47 -22.31
C ARG B 129 -43.35 -32.50 -21.86
N GLY B 130 -42.96 -33.56 -21.12
CA GLY B 130 -41.58 -33.71 -20.69
C GLY B 130 -40.61 -33.94 -21.83
N ARG B 131 -41.10 -34.38 -23.00
CA ARG B 131 -40.24 -34.45 -24.18
C ARG B 131 -39.71 -33.09 -24.58
N ILE B 132 -40.44 -32.01 -24.25
CA ILE B 132 -40.01 -30.67 -24.64
C ILE B 132 -38.68 -30.34 -23.97
N GLY B 133 -38.61 -30.55 -22.65
CA GLY B 133 -37.38 -30.30 -21.93
C GLY B 133 -36.31 -31.35 -22.12
N LEU B 134 -36.70 -32.58 -22.46
CA LEU B 134 -35.74 -33.55 -23.01
C LEU B 134 -35.04 -32.99 -24.24
N PHE B 135 -35.81 -32.42 -25.17
CA PHE B 135 -35.24 -31.87 -26.38
C PHE B 135 -34.32 -30.70 -26.07
N LEU B 136 -34.79 -29.74 -25.27
CA LEU B 136 -33.98 -28.56 -24.96
C LEU B 136 -32.70 -28.95 -24.23
N SER B 137 -32.76 -29.91 -23.32
CA SER B 137 -31.56 -30.35 -22.62
C SER B 137 -30.57 -30.99 -23.58
N PHE B 138 -31.08 -31.73 -24.57
CA PHE B 138 -30.20 -32.34 -25.56
C PHE B 138 -29.46 -31.27 -26.37
N CYS B 139 -30.18 -30.21 -26.77
CA CYS B 139 -29.55 -29.13 -27.53
C CYS B 139 -28.44 -28.47 -26.74
N SER B 140 -28.64 -28.27 -25.44
CA SER B 140 -27.65 -27.58 -24.64
C SER B 140 -26.31 -28.30 -24.64
N LEU B 141 -26.31 -29.62 -24.86
CA LEU B 141 -25.09 -30.40 -24.83
C LEU B 141 -24.11 -30.03 -25.93
N PHE B 142 -24.61 -29.45 -27.02
CA PHE B 142 -23.78 -29.01 -28.14
C PHE B 142 -23.14 -27.66 -27.89
N LEU B 143 -23.58 -26.93 -26.88
CA LEU B 143 -23.06 -25.58 -26.63
C LEU B 143 -21.58 -25.53 -26.28
N PRO B 144 -21.03 -26.39 -25.41
CA PRO B 144 -19.63 -26.20 -24.99
C PRO B 144 -18.61 -26.10 -26.11
N LYS B 145 -18.83 -26.76 -27.25
CA LYS B 145 -17.89 -26.74 -28.36
C LYS B 145 -18.55 -26.35 -29.68
N LEU B 146 -19.70 -25.69 -29.62
CA LEU B 146 -20.42 -25.30 -30.84
C LEU B 146 -19.55 -24.48 -31.78
N VAL B 147 -18.81 -23.50 -31.24
CA VAL B 147 -18.02 -22.61 -32.09
C VAL B 147 -16.80 -23.30 -32.70
N VAL B 148 -16.42 -24.46 -32.18
CA VAL B 148 -15.30 -25.19 -32.78
C VAL B 148 -15.73 -25.86 -34.08
N GLY B 149 -16.95 -26.40 -34.11
CA GLY B 149 -17.49 -26.99 -35.32
C GLY B 149 -18.12 -28.36 -35.19
N ASP B 150 -18.78 -28.75 -36.29
CA ASP B 150 -19.54 -29.99 -36.40
C ASP B 150 -19.07 -31.17 -35.57
N ARG B 151 -17.84 -31.59 -35.78
CA ARG B 151 -17.29 -32.75 -35.10
C ARG B 151 -16.98 -32.63 -33.61
N ALA B 152 -16.32 -31.55 -33.21
CA ALA B 152 -15.98 -31.35 -31.80
C ALA B 152 -17.23 -31.19 -30.94
N SER B 153 -18.23 -30.46 -31.45
CA SER B 153 -19.47 -30.25 -30.70
C SER B 153 -20.24 -31.54 -30.50
N ILE B 154 -20.24 -32.42 -31.51
CA ILE B 154 -20.93 -33.69 -31.37
C ILE B 154 -20.13 -34.64 -30.48
N GLU B 155 -18.81 -34.67 -30.64
CA GLU B 155 -17.99 -35.51 -29.77
C GLU B 155 -18.10 -35.07 -28.31
N LYS B 156 -18.30 -33.77 -28.08
CA LYS B 156 -18.47 -33.29 -26.72
C LYS B 156 -19.86 -33.61 -26.19
N ALA B 157 -20.88 -33.43 -27.03
CA ALA B 157 -22.23 -33.79 -26.64
C ALA B 157 -22.35 -35.27 -26.30
N LEU B 158 -21.73 -36.14 -27.10
CA LEU B 158 -21.78 -37.57 -26.83
C LEU B 158 -21.13 -37.92 -25.51
N ARG B 159 -20.00 -37.27 -25.20
CA ARG B 159 -19.36 -37.49 -23.91
C ARG B 159 -20.27 -37.10 -22.76
N GLN B 160 -21.03 -36.02 -22.92
CA GLN B 160 -21.95 -35.60 -21.87
C GLN B 160 -23.12 -36.56 -21.73
N VAL B 161 -23.57 -37.15 -22.85
CA VAL B 161 -24.63 -38.15 -22.78
C VAL B 161 -24.23 -39.32 -21.88
N THR B 162 -22.96 -39.73 -21.96
CA THR B 162 -22.47 -40.80 -21.10
C THR B 162 -22.48 -40.37 -19.64
N VAL B 163 -22.01 -39.15 -19.36
CA VAL B 163 -21.99 -38.63 -17.99
C VAL B 163 -23.39 -38.60 -17.41
N HIS B 164 -24.35 -38.04 -18.15
CA HIS B 164 -25.70 -37.86 -17.61
C HIS B 164 -26.46 -39.18 -17.53
N GLN B 165 -26.30 -40.05 -18.52
CA GLN B 165 -27.01 -41.33 -18.49
C GLN B 165 -26.44 -42.29 -17.45
N GLU B 166 -25.16 -42.13 -17.08
CA GLU B 166 -24.64 -42.87 -15.93
C GLU B 166 -25.34 -42.45 -14.65
N GLN B 167 -25.41 -41.14 -14.41
CA GLN B 167 -26.15 -40.60 -13.28
C GLN B 167 -27.61 -41.05 -13.25
N GLY B 168 -28.18 -41.46 -14.40
CA GLY B 168 -29.57 -41.85 -14.42
C GLY B 168 -30.55 -40.72 -14.27
N ILE B 169 -30.10 -39.46 -14.34
CA ILE B 169 -30.98 -38.31 -14.33
C ILE B 169 -31.67 -38.07 -15.66
N VAL B 170 -31.22 -38.74 -16.72
CA VAL B 170 -31.83 -38.61 -18.04
C VAL B 170 -31.40 -39.83 -18.84
N THR B 171 -32.19 -40.16 -19.86
CA THR B 171 -31.80 -41.16 -20.84
C THR B 171 -32.25 -40.66 -22.21
N TYR B 172 -31.36 -40.66 -23.13
CA TYR B 172 -31.83 -40.12 -24.38
C TYR B 172 -32.16 -41.24 -25.36
N PRO B 173 -33.20 -41.05 -26.17
CA PRO B 173 -33.55 -42.06 -27.17
C PRO B 173 -32.35 -42.38 -28.05
N ASN B 174 -32.13 -43.68 -28.28
CA ASN B 174 -30.92 -44.11 -28.98
C ASN B 174 -30.86 -43.59 -30.41
N HIS B 175 -32.01 -43.39 -31.06
CA HIS B 175 -31.98 -42.86 -32.43
C HIS B 175 -31.68 -41.37 -32.46
N TRP B 176 -31.67 -40.69 -31.31
CA TRP B 176 -31.15 -39.33 -31.24
C TRP B 176 -29.64 -39.26 -31.24
N LEU B 177 -28.96 -40.39 -31.02
CA LEU B 177 -27.53 -40.41 -30.80
C LEU B 177 -26.75 -40.83 -32.05
N THR B 178 -27.41 -40.91 -33.19
CA THR B 178 -26.74 -41.20 -34.45
C THR B 178 -26.17 -39.93 -35.05
N THR B 179 -25.10 -40.10 -35.84
CA THR B 179 -24.45 -38.96 -36.48
C THR B 179 -25.43 -38.13 -37.30
N GLY B 180 -26.32 -38.78 -38.05
CA GLY B 180 -27.23 -38.03 -38.90
C GLY B 180 -28.25 -37.22 -38.13
N HIS B 181 -28.58 -37.64 -36.91
CA HIS B 181 -29.50 -36.87 -36.08
C HIS B 181 -28.78 -35.76 -35.33
N MET B 182 -27.60 -36.05 -34.80
CA MET B 182 -26.84 -35.05 -34.06
C MET B 182 -26.29 -33.95 -34.98
N LYS B 183 -26.08 -34.27 -36.28
CA LYS B 183 -25.74 -33.23 -37.24
C LYS B 183 -26.90 -32.26 -37.45
N VAL B 184 -28.14 -32.77 -37.42
CA VAL B 184 -29.32 -31.92 -37.57
C VAL B 184 -29.44 -30.96 -36.39
N ILE B 185 -29.25 -31.48 -35.18
CA ILE B 185 -29.43 -30.65 -33.98
C ILE B 185 -28.31 -29.62 -33.89
N PHE B 186 -27.09 -29.99 -34.28
CA PHE B 186 -26.00 -29.03 -34.33
C PHE B 186 -26.36 -27.83 -35.20
N GLY B 187 -26.82 -28.09 -36.43
CA GLY B 187 -27.18 -27.00 -37.33
C GLY B 187 -28.31 -26.16 -36.79
N ILE B 188 -29.26 -26.78 -36.09
CA ILE B 188 -30.41 -26.07 -35.57
C ILE B 188 -29.96 -25.11 -34.47
N LEU B 189 -29.15 -25.60 -33.53
CA LEU B 189 -28.62 -24.75 -32.48
C LEU B 189 -27.70 -23.68 -33.06
N ARG B 190 -26.89 -24.04 -34.05
CA ARG B 190 -25.90 -23.10 -34.58
C ARG B 190 -26.57 -21.91 -35.25
N SER B 191 -27.68 -22.15 -35.97
CA SER B 191 -28.34 -21.09 -36.72
C SER B 191 -29.34 -20.28 -35.92
N SER B 192 -29.71 -20.74 -34.71
CA SER B 192 -30.78 -20.13 -33.92
C SER B 192 -30.18 -19.35 -32.77
N PHE B 193 -30.24 -18.01 -32.87
CA PHE B 193 -29.81 -17.17 -31.76
C PHE B 193 -30.77 -17.27 -30.58
N ILE B 194 -32.07 -17.36 -30.86
CA ILE B 194 -33.07 -17.45 -29.79
C ILE B 194 -32.82 -18.69 -28.94
N LEU B 195 -32.62 -19.83 -29.58
CA LEU B 195 -32.43 -21.07 -28.83
C LEU B 195 -31.15 -21.05 -28.02
N LYS B 196 -30.05 -20.56 -28.60
CA LYS B 196 -28.79 -20.48 -27.87
C LYS B 196 -28.90 -19.55 -26.68
N PHE B 197 -29.55 -18.39 -26.87
CA PHE B 197 -29.65 -17.42 -25.77
C PHE B 197 -30.51 -17.95 -24.63
N VAL B 198 -31.67 -18.52 -24.96
CA VAL B 198 -32.59 -18.98 -23.92
C VAL B 198 -31.90 -20.01 -23.03
N LEU B 199 -31.21 -20.98 -23.62
CA LEU B 199 -30.49 -21.98 -22.83
C LEU B 199 -29.41 -21.33 -21.98
N ILE B 200 -28.65 -20.41 -22.57
CA ILE B 200 -27.58 -19.74 -21.84
C ILE B 200 -28.15 -18.88 -20.71
N HIS B 201 -29.24 -18.16 -21.00
CA HIS B 201 -29.88 -17.34 -19.97
C HIS B 201 -30.30 -18.20 -18.78
N GLN B 202 -31.09 -19.24 -19.03
CA GLN B 202 -31.56 -20.11 -17.96
C GLN B 202 -30.41 -20.77 -17.21
N GLY B 203 -29.25 -20.90 -17.86
CA GLY B 203 -28.11 -21.56 -17.26
C GLY B 203 -27.26 -20.70 -16.35
N VAL B 204 -27.09 -19.41 -16.67
CA VAL B 204 -26.38 -18.52 -15.76
C VAL B 204 -27.14 -18.31 -14.45
N ASN B 205 -28.44 -17.99 -14.51
CA ASN B 205 -29.10 -17.69 -13.25
C ASN B 205 -30.17 -18.72 -12.91
N LEU B 206 -29.84 -20.00 -13.08
CA LEU B 206 -30.65 -21.12 -12.61
C LEU B 206 -32.09 -21.07 -13.14
N GLY B 209 -39.24 -25.39 -9.44
CA GLY B 209 -39.05 -25.69 -10.84
C GLY B 209 -37.63 -26.07 -11.20
N HIS B 210 -36.85 -26.45 -10.18
CA HIS B 210 -35.45 -26.84 -10.38
C HIS B 210 -35.39 -28.35 -10.61
N ASP B 211 -35.62 -28.73 -11.86
CA ASP B 211 -35.50 -30.11 -12.32
C ASP B 211 -34.06 -30.39 -12.74
N ALA B 212 -33.83 -31.55 -13.35
CA ALA B 212 -32.50 -31.89 -13.84
C ALA B 212 -32.31 -31.60 -15.32
N TYR B 213 -33.37 -31.26 -16.04
CA TYR B 213 -33.20 -30.54 -17.30
C TYR B 213 -32.44 -29.24 -17.07
N ASP B 214 -32.74 -28.55 -15.97
CA ASP B 214 -32.06 -27.30 -15.65
C ASP B 214 -30.61 -27.54 -15.26
N SER B 215 -30.35 -28.59 -14.47
CA SER B 215 -28.99 -28.84 -14.04
C SER B 215 -28.13 -29.33 -15.20
N ILE B 216 -28.73 -30.04 -16.15
CA ILE B 216 -28.00 -30.42 -17.36
C ILE B 216 -27.69 -29.18 -18.19
N ILE B 217 -28.70 -28.33 -18.43
CA ILE B 217 -28.49 -27.10 -19.18
C ILE B 217 -27.49 -26.19 -18.47
N SER B 218 -27.55 -26.14 -17.15
CA SER B 218 -26.62 -25.31 -16.39
C SER B 218 -25.18 -25.82 -16.55
N ASN B 219 -24.98 -27.13 -16.41
CA ASN B 219 -23.65 -27.69 -16.55
C ASN B 219 -23.11 -27.49 -17.95
N SER B 220 -23.99 -27.57 -18.96
CA SER B 220 -23.59 -27.31 -20.34
C SER B 220 -23.21 -25.85 -20.53
N VAL B 221 -24.03 -24.94 -20.02
CA VAL B 221 -23.75 -23.51 -20.16
C VAL B 221 -22.46 -23.15 -19.43
N GLY B 222 -22.22 -23.76 -18.27
CA GLY B 222 -21.00 -23.47 -17.53
C GLY B 222 -19.75 -23.82 -18.30
N GLN B 223 -19.74 -24.99 -18.92
CA GLN B 223 -18.62 -25.41 -19.76
C GLN B 223 -18.51 -24.58 -21.03
N THR B 224 -19.50 -23.75 -21.35
CA THR B 224 -19.49 -22.93 -22.55
C THR B 224 -18.84 -21.57 -22.34
N ARG B 225 -18.53 -21.20 -21.10
CA ARG B 225 -17.93 -19.90 -20.82
C ARG B 225 -16.58 -19.79 -21.52
N PHE B 226 -16.44 -18.77 -22.38
CA PHE B 226 -15.24 -18.47 -23.16
C PHE B 226 -14.97 -19.49 -24.25
N SER B 227 -15.97 -20.31 -24.60
CA SER B 227 -15.90 -21.08 -25.83
C SER B 227 -15.68 -20.15 -27.01
N GLY B 228 -14.57 -20.32 -27.71
CA GLY B 228 -14.23 -19.40 -28.78
C GLY B 228 -13.62 -18.10 -28.31
N LEU B 229 -13.16 -18.05 -27.07
CA LEU B 229 -12.57 -16.87 -26.45
C LEU B 229 -11.41 -17.26 -25.57
N LEU B 230 -10.63 -18.23 -26.03
CA LEU B 230 -9.58 -18.82 -25.21
C LEU B 230 -8.40 -17.86 -25.04
N ILE B 231 -8.18 -16.94 -25.98
CA ILE B 231 -7.16 -15.92 -25.80
C ILE B 231 -7.56 -14.97 -24.66
N VAL B 232 -8.82 -14.53 -24.66
CA VAL B 232 -9.31 -13.63 -23.62
C VAL B 232 -9.20 -14.28 -22.24
N LYS B 233 -9.64 -15.54 -22.12
CA LYS B 233 -9.67 -16.20 -20.82
C LYS B 233 -8.26 -16.33 -20.23
N THR B 234 -7.33 -16.86 -21.02
CA THR B 234 -5.98 -17.07 -20.52
C THR B 234 -5.29 -15.75 -20.20
N VAL B 235 -5.52 -14.72 -21.02
CA VAL B 235 -4.96 -13.40 -20.74
C VAL B 235 -5.54 -12.85 -19.44
N LEU B 236 -6.87 -12.94 -19.29
CA LEU B 236 -7.51 -12.44 -18.08
C LEU B 236 -6.99 -13.16 -16.83
N GLU B 237 -6.78 -14.48 -16.94
CA GLU B 237 -6.39 -15.25 -15.77
C GLU B 237 -4.90 -15.16 -15.46
N PHE B 238 -4.05 -15.15 -16.50
CA PHE B 238 -2.62 -15.29 -16.29
C PHE B 238 -1.80 -14.06 -16.67
N ILE B 239 -2.27 -13.24 -17.59
CA ILE B 239 -1.46 -12.17 -18.16
C ILE B 239 -1.73 -10.84 -17.48
N LEU B 240 -2.99 -10.56 -17.15
CA LEU B 240 -3.39 -9.31 -16.53
C LEU B 240 -3.69 -9.59 -15.06
N GLN B 241 -2.87 -9.01 -14.17
CA GLN B 241 -2.99 -9.29 -12.75
C GLN B 241 -2.78 -8.04 -11.91
N VAL B 247 -3.75 -3.33 -12.38
CA VAL B 247 -3.61 -4.61 -13.06
C VAL B 247 -2.23 -4.73 -13.69
N THR B 248 -1.43 -5.65 -13.15
CA THR B 248 -0.03 -5.82 -13.53
C THR B 248 0.09 -6.81 -14.68
N LEU B 249 1.20 -6.71 -15.41
CA LEU B 249 1.47 -7.57 -16.57
C LEU B 249 2.36 -8.74 -16.21
N HIS B 250 2.05 -9.89 -16.79
CA HIS B 250 2.91 -11.06 -16.68
C HIS B 250 4.31 -10.74 -17.20
N PRO B 251 5.37 -11.24 -16.53
CA PRO B 251 6.75 -10.91 -16.95
C PRO B 251 7.04 -11.17 -18.43
N LEU B 252 6.53 -12.27 -18.99
CA LEU B 252 6.76 -12.54 -20.41
C LEU B 252 6.22 -11.43 -21.30
N VAL B 253 5.20 -10.71 -20.83
CA VAL B 253 4.61 -9.63 -21.62
C VAL B 253 5.36 -8.32 -21.44
N ARG B 254 5.91 -8.07 -20.24
CA ARG B 254 6.62 -6.81 -19.98
C ARG B 254 7.76 -6.60 -20.97
N THR B 255 8.75 -7.49 -20.92
CA THR B 255 9.95 -7.34 -21.75
C THR B 255 9.62 -7.41 -23.24
N SER B 256 8.68 -8.26 -23.62
CA SER B 256 8.42 -8.54 -25.03
C SER B 256 7.93 -7.31 -25.80
N VAL B 258 5.07 -5.50 -27.75
CA VAL B 258 4.00 -6.30 -27.17
C VAL B 258 3.19 -5.47 -26.18
N LYS B 259 3.84 -4.49 -25.55
CA LYS B 259 3.13 -3.61 -24.62
C LYS B 259 2.00 -2.89 -25.32
N ASN B 260 2.15 -2.61 -26.62
CA ASN B 260 1.11 -1.97 -27.40
C ASN B 260 0.03 -2.96 -27.83
N GLU B 261 0.40 -4.23 -28.07
CA GLU B 261 -0.60 -5.25 -28.36
C GLU B 261 -1.57 -5.44 -27.20
N VAL B 262 -1.10 -5.21 -25.97
CA VAL B 262 -2.02 -5.24 -24.83
C VAL B 262 -3.06 -4.13 -24.96
N ALA B 263 -2.64 -2.95 -25.42
CA ALA B 263 -3.58 -1.85 -25.62
C ALA B 263 -4.65 -2.22 -26.64
N SER B 264 -4.24 -2.81 -27.78
CA SER B 264 -5.20 -3.22 -28.79
C SER B 264 -6.12 -4.31 -28.26
N PHE B 265 -5.57 -5.24 -27.48
CA PHE B 265 -6.40 -6.26 -26.84
C PHE B 265 -7.39 -5.63 -25.86
N LYS B 266 -6.94 -4.62 -25.11
CA LYS B 266 -7.83 -3.94 -24.17
C LYS B 266 -8.95 -3.21 -24.89
N GLN B 267 -8.64 -2.56 -26.02
CA GLN B 267 -9.69 -1.91 -26.80
C GLN B 267 -10.74 -2.92 -27.27
N ALA B 268 -10.28 -4.03 -27.86
CA ALA B 268 -11.19 -5.01 -28.41
C ALA B 268 -12.06 -5.66 -27.34
N LEU B 269 -11.46 -6.03 -26.20
CA LEU B 269 -12.21 -6.69 -25.14
C LEU B 269 -13.28 -5.77 -24.55
N SER B 270 -13.05 -4.45 -24.56
CA SER B 270 -14.01 -3.51 -23.99
C SER B 270 -15.33 -3.52 -24.76
N ASN B 271 -15.30 -3.83 -26.05
CA ASN B 271 -16.54 -3.91 -26.82
C ASN B 271 -17.50 -4.95 -26.24
N LEU B 272 -16.94 -6.05 -25.72
CA LEU B 272 -17.76 -7.11 -25.16
C LEU B 272 -18.37 -6.76 -23.82
N ALA B 273 -17.75 -5.83 -23.07
CA ALA B 273 -18.20 -5.54 -21.71
C ALA B 273 -19.66 -5.08 -21.65
N ARG B 274 -20.16 -4.44 -22.70
CA ARG B 274 -21.54 -3.98 -22.70
C ARG B 274 -22.54 -5.12 -22.55
N HIS B 275 -22.15 -6.35 -22.89
CA HIS B 275 -23.03 -7.50 -22.77
C HIS B 275 -23.10 -8.07 -21.36
N GLY B 276 -22.35 -7.52 -20.42
CA GLY B 276 -22.55 -7.86 -19.02
C GLY B 276 -22.08 -9.27 -18.68
N GLU B 277 -22.92 -9.98 -17.91
CA GLU B 277 -22.72 -11.40 -17.61
C GLU B 277 -22.71 -12.29 -18.84
N TYR B 278 -23.05 -11.78 -20.02
CA TYR B 278 -23.06 -12.56 -21.24
C TYR B 278 -21.79 -12.42 -22.05
N ALA B 279 -20.83 -11.63 -21.57
CA ALA B 279 -19.58 -11.46 -22.30
C ALA B 279 -18.81 -12.76 -22.51
N PRO B 280 -18.73 -13.68 -21.55
CA PRO B 280 -18.05 -14.96 -21.83
C PRO B 280 -18.70 -15.79 -22.92
N PHE B 281 -19.89 -15.42 -23.39
CA PHE B 281 -20.59 -16.15 -24.44
C PHE B 281 -20.68 -15.35 -25.74
N ALA B 282 -19.81 -14.35 -25.91
CA ALA B 282 -19.92 -13.49 -27.08
C ALA B 282 -19.56 -14.19 -28.38
N ARG B 283 -18.66 -15.18 -28.32
CA ARG B 283 -18.33 -15.94 -29.52
C ARG B 283 -19.42 -16.94 -29.86
N VAL B 284 -19.96 -17.61 -28.85
CA VAL B 284 -21.07 -18.54 -29.06
C VAL B 284 -22.31 -17.79 -29.55
N LEU B 285 -22.64 -16.68 -28.89
CA LEU B 285 -23.86 -15.95 -29.20
C LEU B 285 -23.69 -14.92 -30.31
N ASN B 286 -22.46 -14.70 -30.78
CA ASN B 286 -22.17 -13.75 -31.84
C ASN B 286 -22.71 -12.37 -31.48
N LEU B 287 -22.33 -11.90 -30.28
CA LEU B 287 -22.82 -10.64 -29.77
C LEU B 287 -22.06 -9.48 -30.38
N SER B 288 -22.70 -8.31 -30.42
CA SER B 288 -22.10 -7.17 -31.08
C SER B 288 -20.76 -6.80 -30.44
N GLY B 289 -19.68 -7.01 -31.17
CA GLY B 289 -18.35 -6.62 -30.74
C GLY B 289 -17.26 -7.67 -30.88
N ILE B 290 -17.52 -8.77 -31.60
CA ILE B 290 -16.58 -9.88 -31.59
C ILE B 290 -15.63 -9.74 -32.75
N ASN B 291 -16.07 -9.10 -33.83
CA ASN B 291 -15.23 -8.84 -34.99
C ASN B 291 -14.01 -7.99 -34.62
N ASN B 292 -14.05 -7.29 -33.49
CA ASN B 292 -12.91 -6.54 -32.99
C ASN B 292 -11.87 -7.43 -32.33
N LEU B 293 -12.20 -8.69 -32.02
CA LEU B 293 -11.29 -9.60 -31.32
C LEU B 293 -10.66 -10.54 -32.34
N GLU B 294 -9.65 -10.02 -33.03
CA GLU B 294 -8.83 -10.80 -33.95
C GLU B 294 -7.44 -10.91 -33.36
N HIS B 295 -6.89 -12.13 -33.33
CA HIS B 295 -5.53 -12.30 -32.83
C HIS B 295 -4.50 -11.59 -33.69
N GLY B 296 -4.87 -11.21 -34.92
CA GLY B 296 -3.95 -10.45 -35.75
C GLY B 296 -3.58 -9.11 -35.15
N LEU B 297 -4.53 -8.45 -34.49
CA LEU B 297 -4.21 -7.20 -33.81
C LEU B 297 -3.24 -7.39 -32.65
N TYR B 298 -3.22 -8.58 -32.04
CA TYR B 298 -2.30 -8.89 -30.94
C TYR B 298 -1.71 -10.28 -31.13
N PRO B 299 -0.84 -10.44 -32.13
CA PRO B 299 -0.32 -11.80 -32.42
C PRO B 299 0.59 -12.35 -31.34
N GLN B 300 1.51 -11.52 -30.83
CA GLN B 300 2.47 -12.01 -29.84
C GLN B 300 1.78 -12.30 -28.51
N LEU B 301 0.93 -11.38 -28.05
CA LEU B 301 0.19 -11.61 -26.81
C LEU B 301 -0.62 -12.89 -26.88
N SER B 302 -1.16 -13.20 -28.06
CA SER B 302 -1.94 -14.44 -28.22
C SER B 302 -1.06 -15.67 -28.06
N ALA B 303 0.11 -15.66 -28.72
CA ALA B 303 1.01 -16.81 -28.62
C ALA B 303 1.53 -17.00 -27.21
N ILE B 304 1.91 -15.91 -26.54
CA ILE B 304 2.46 -16.01 -25.19
C ILE B 304 1.39 -16.55 -24.23
N ALA B 305 0.18 -16.00 -24.31
CA ALA B 305 -0.91 -16.45 -23.45
C ALA B 305 -1.22 -17.93 -23.66
N LEU B 306 -1.26 -18.37 -24.93
CA LEU B 306 -1.48 -19.78 -25.21
C LEU B 306 -0.35 -20.64 -24.68
N GLY B 307 0.90 -20.17 -24.82
CA GLY B 307 2.01 -20.81 -24.13
C GLY B 307 1.72 -21.01 -22.65
N VAL B 308 1.28 -19.94 -21.99
CA VAL B 308 1.11 -19.97 -20.53
C VAL B 308 -0.04 -20.88 -20.16
N ALA B 309 -1.12 -20.86 -20.96
CA ALA B 309 -2.26 -21.74 -20.75
C ALA B 309 -1.83 -23.21 -20.73
N THR B 310 -1.15 -23.65 -21.79
CA THR B 310 -0.79 -25.05 -21.91
C THR B 310 0.15 -25.47 -20.78
N ALA B 311 1.02 -24.56 -20.32
CA ALA B 311 1.86 -24.86 -19.18
C ALA B 311 1.03 -25.17 -17.94
N HIS B 312 -0.19 -24.65 -17.88
CA HIS B 312 -1.15 -24.97 -16.83
C HIS B 312 -2.10 -26.09 -17.24
N GLY B 313 -1.95 -26.64 -18.44
CA GLY B 313 -2.74 -27.79 -18.85
C GLY B 313 -3.92 -27.54 -19.78
N SER B 314 -3.65 -26.94 -20.94
CA SER B 314 -4.72 -26.59 -21.88
C SER B 314 -4.80 -27.64 -23.00
N ASN B 320 -5.18 -20.59 -31.79
CA ASN B 320 -5.08 -22.04 -31.91
C ASN B 320 -4.04 -22.43 -32.97
N VAL B 321 -3.41 -21.42 -33.57
CA VAL B 321 -2.52 -21.64 -34.70
C VAL B 321 -1.62 -20.43 -34.92
N GLY B 322 -0.53 -20.62 -35.65
CA GLY B 322 0.42 -19.58 -35.97
C GLY B 322 1.68 -20.18 -36.56
N GLU B 323 2.44 -19.34 -37.26
CA GLU B 323 3.65 -19.84 -37.92
C GLU B 323 4.87 -19.01 -37.57
N GLN B 324 4.81 -17.70 -37.82
CA GLN B 324 5.85 -16.79 -37.34
C GLN B 324 5.88 -16.69 -35.82
N TYR B 325 4.84 -17.15 -35.13
CA TYR B 325 4.76 -17.02 -33.68
C TYR B 325 4.72 -18.36 -32.97
N GLN B 326 5.11 -19.45 -33.64
CA GLN B 326 5.10 -20.76 -32.99
C GLN B 326 6.24 -20.92 -32.00
N GLN B 327 7.43 -20.43 -32.33
CA GLN B 327 8.53 -20.49 -31.37
C GLN B 327 8.28 -19.59 -30.18
N LEU B 328 7.52 -18.51 -30.37
CA LEU B 328 7.10 -17.67 -29.25
C LEU B 328 6.21 -18.45 -28.29
N ARG B 329 5.32 -19.30 -28.84
CA ARG B 329 4.46 -20.11 -28.00
C ARG B 329 5.25 -21.18 -27.26
N GLU B 330 6.22 -21.81 -27.95
CA GLU B 330 7.05 -22.82 -27.29
C GLU B 330 7.90 -22.20 -26.19
N ALA B 331 8.43 -20.99 -26.43
CA ALA B 331 9.24 -20.32 -25.43
C ALA B 331 8.40 -19.88 -24.23
N ALA B 332 7.19 -19.39 -24.48
CA ALA B 332 6.33 -18.95 -23.38
C ALA B 332 5.92 -20.12 -22.50
N HIS B 333 5.56 -21.25 -23.12
CA HIS B 333 5.23 -22.45 -22.34
C HIS B 333 6.41 -22.88 -21.48
N ASP B 334 7.61 -22.91 -22.07
CA ASP B 334 8.79 -23.38 -21.35
C ASP B 334 9.18 -22.42 -20.24
N ALA B 335 8.99 -21.11 -20.44
CA ALA B 335 9.26 -20.15 -19.38
C ALA B 335 8.23 -20.28 -18.26
N GLU B 336 6.95 -20.46 -18.61
CA GLU B 336 5.91 -20.48 -17.59
C GLU B 336 6.04 -21.68 -16.66
N VAL B 337 6.42 -22.84 -17.19
CA VAL B 337 6.60 -24.01 -16.32
C VAL B 337 7.76 -23.77 -15.36
N LYS B 338 8.80 -23.07 -15.83
CA LYS B 338 9.89 -22.68 -14.94
C LYS B 338 9.41 -21.66 -13.92
N LEU B 339 8.58 -20.72 -14.34
CA LEU B 339 8.10 -19.68 -13.44
C LEU B 339 7.18 -20.28 -12.38
N GLN B 340 6.28 -21.19 -12.77
CA GLN B 340 5.40 -21.82 -11.81
C GLN B 340 6.19 -22.64 -10.78
N ARG B 341 7.25 -23.32 -11.21
CA ARG B 341 8.08 -24.05 -10.26
C ARG B 341 8.74 -23.11 -9.28
N ARG B 342 9.18 -21.93 -9.75
CA ARG B 342 9.80 -20.96 -8.87
C ARG B 342 8.80 -20.42 -7.85
N HIS B 343 7.57 -20.14 -8.28
CA HIS B 343 6.59 -19.56 -7.38
C HIS B 343 6.20 -20.55 -6.28
N GLU B 344 6.09 -21.84 -6.62
CA GLU B 344 5.82 -22.86 -5.60
C GLU B 344 6.90 -22.82 -4.52
N HIS B 345 8.17 -22.74 -4.93
CA HIS B 345 9.26 -22.63 -3.97
C HIS B 345 9.12 -21.35 -3.14
N GLN B 346 8.88 -20.22 -3.80
CA GLN B 346 8.72 -18.96 -3.08
C GLN B 346 7.57 -19.03 -2.07
N GLU B 347 6.43 -19.58 -2.49
CA GLU B 347 5.28 -19.67 -1.60
C GLU B 347 5.61 -20.48 -0.36
N ILE B 348 6.32 -21.59 -0.53
CA ILE B 348 6.67 -22.43 0.63
C ILE B 348 7.70 -21.72 1.50
N GLN B 349 8.66 -21.04 0.89
CA GLN B 349 9.67 -20.30 1.66
C GLN B 349 9.05 -19.12 2.39
N ALA B 350 8.10 -18.44 1.76
CA ALA B 350 7.40 -17.33 2.41
C ALA B 350 6.67 -17.79 3.65
N ILE B 351 5.99 -18.94 3.57
CA ILE B 351 5.29 -19.48 4.73
C ILE B 351 6.29 -19.86 5.83
N ALA B 352 7.43 -20.45 5.44
CA ALA B 352 8.44 -20.83 6.42
C ALA B 352 9.02 -19.62 7.14
N GLU B 353 9.24 -18.52 6.41
CA GLU B 353 9.79 -17.31 7.04
C GLU B 353 8.76 -16.63 7.94
N ASP B 354 7.50 -16.59 7.51
CA ASP B 354 6.43 -16.11 8.39
C ASP B 354 6.37 -16.93 9.67
N ASP B 355 6.64 -18.23 9.57
CA ASP B 355 6.66 -19.07 10.76
C ASP B 355 7.87 -18.76 11.64
N GLU B 356 9.04 -18.55 11.01
CA GLU B 356 10.21 -18.12 11.77
C GLU B 356 9.94 -16.84 12.55
N GLU B 357 9.23 -15.90 11.91
CA GLU B 357 8.88 -14.65 12.57
C GLU B 357 7.91 -14.88 13.74
N ARG B 358 6.94 -15.78 13.56
CA ARG B 358 5.99 -16.07 14.63
C ARG B 358 6.70 -16.67 15.84
N LYS B 359 7.65 -17.57 15.61
CA LYS B 359 8.37 -18.18 16.73
C LYS B 359 9.23 -17.16 17.47
N ILE B 360 9.77 -16.17 16.77
CA ILE B 360 10.55 -15.14 17.44
C ILE B 360 9.65 -14.28 18.32
N LEU B 361 8.45 -13.94 17.85
CA LEU B 361 7.54 -13.13 18.65
C LEU B 361 6.97 -13.93 19.82
N GLU B 362 6.66 -15.21 19.61
CA GLU B 362 6.13 -16.03 20.69
C GLU B 362 7.18 -16.28 21.76
N GLN B 363 8.43 -16.53 21.36
CA GLN B 363 9.51 -16.61 22.32
C GLN B 363 9.69 -15.30 23.07
N PHE B 364 9.43 -14.17 22.41
CA PHE B 364 9.51 -12.87 23.08
C PHE B 364 8.51 -12.76 24.23
N HIS B 365 7.24 -13.12 23.97
CA HIS B 365 6.22 -13.01 25.00
C HIS B 365 6.44 -14.00 26.13
N LEU B 366 7.11 -15.12 25.86
CA LEU B 366 7.49 -16.03 26.93
C LEU B 366 8.70 -15.49 27.68
N GLN B 367 9.73 -15.07 26.95
CA GLN B 367 10.97 -14.62 27.59
C GLN B 367 10.76 -13.34 28.37
N LYS B 368 9.87 -12.45 27.92
CA LYS B 368 9.66 -11.19 28.61
C LYS B 368 9.03 -11.38 29.97
N THR B 369 8.29 -12.48 30.16
CA THR B 369 7.62 -12.76 31.42
C THR B 369 8.47 -13.61 32.36
N GLU B 370 9.72 -13.86 32.01
CA GLU B 370 10.59 -14.63 32.88
C GLU B 370 10.84 -13.87 34.19
N ILE B 371 10.90 -14.62 35.28
CA ILE B 371 11.01 -14.04 36.62
C ILE B 371 12.47 -14.10 37.06
N THR B 372 13.06 -12.95 37.31
CA THR B 372 14.40 -12.86 37.83
C THR B 372 14.38 -12.60 39.34
N HIS B 373 15.46 -13.00 40.00
CA HIS B 373 15.62 -12.71 41.42
C HIS B 373 16.94 -11.99 41.66
#